data_8XFW
#
_entry.id   8XFW
#
_cell.length_a   93.194
_cell.length_b   103.617
_cell.length_c   110.195
_cell.angle_alpha   90.0
_cell.angle_beta   90.0
_cell.angle_gamma   90.0
#
_symmetry.space_group_name_H-M   'P 21 21 2'
#
loop_
_entity.id
_entity.type
_entity.pdbx_description
1 polymer 'UDP-glycosyltransferase 13'
2 non-polymer "URIDINE-5'-DIPHOSPHATE"
#
_entity_poly.entity_id   1
_entity_poly.type   'polypeptide(L)'
_entity_poly.pdbx_seq_one_letter_code
;ALNSCPHVALLLSSGMGHLTPCLRFAATLVQHHCRVTIITNYPTVSVAESRAISLLLSDFPQITEKQFHLLPFDPSTANT
TDPFFLRWEAIRRSAHLLNPLLSSISPPLSALVIDDSLVSSFVPVAANLDLPSYVLFTSSTRACSLEETFPAFVASKTNF
DSIQLDDVIEIPGFSPVPVSSVPPTFLNLNHLFTTMLIQNGQSFRKANGILINTFEALEGGILPGINDKRAADGLPPYCS
VGPLLPCKFEKTECSAPVKWLDDQPEGSVVYVSFGSRFALSSEQIKELGDGLIRSGCRFLWVVKCKKVDQEDEESLDELL
GRDVLEKIKKYGFVIKNWVNQQEILDHRAVGGFVTHGGWNSSMEAVWHGVPMLVWPQFGDQKINAEVIERSGLGMWVKRW
GWGTQQLVKGEEIGERIKDLMGNNPLRVRAKTLREEARKAIEVGGSSEKTLKELIENWK
;
_entity_poly.pdbx_strand_id   A,B
#
loop_
_chem_comp.id
_chem_comp.type
_chem_comp.name
_chem_comp.formula
UDP RNA linking URIDINE-5'-DIPHOSPHATE 'C9 H14 N2 O12 P2'
#
# COMPACT_ATOMS: atom_id res chain seq x y z
N SER A 4 11.08 15.55 13.86
CA SER A 4 9.96 15.35 14.77
C SER A 4 8.74 14.79 14.05
N CYS A 5 8.13 13.77 14.63
CA CYS A 5 6.93 13.16 14.05
C CYS A 5 5.76 13.17 15.04
N PRO A 6 4.79 14.06 14.79
CA PRO A 6 3.58 14.20 15.61
C PRO A 6 2.72 12.94 15.61
N HIS A 7 2.47 12.39 16.79
CA HIS A 7 1.70 11.17 16.91
C HIS A 7 0.21 11.49 17.01
N VAL A 8 -0.54 11.10 15.98
CA VAL A 8 -1.96 11.43 15.90
C VAL A 8 -2.81 10.17 16.05
N ALA A 9 -3.86 10.27 16.87
CA ALA A 9 -4.80 9.17 17.02
C ALA A 9 -6.11 9.42 16.27
N LEU A 10 -6.56 8.42 15.54
CA LEU A 10 -7.85 8.48 14.84
C LEU A 10 -8.87 7.64 15.60
N LEU A 11 -10.00 8.23 15.96
CA LEU A 11 -11.04 7.47 16.65
C LEU A 11 -12.19 7.15 15.70
N LEU A 12 -12.30 5.88 15.33
CA LEU A 12 -13.28 5.43 14.32
C LEU A 12 -14.66 5.16 14.90
N SER A 13 -15.70 5.33 14.08
CA SER A 13 -17.06 4.97 14.49
C SER A 13 -17.53 3.77 13.70
N SER A 14 -18.56 3.94 12.87
CA SER A 14 -19.13 2.82 12.14
C SER A 14 -19.68 3.20 10.77
N GLY A 15 -19.49 2.31 9.79
CA GLY A 15 -19.97 2.54 8.45
C GLY A 15 -18.89 2.95 7.47
N MET A 16 -18.97 2.46 6.24
CA MET A 16 -18.00 2.81 5.21
C MET A 16 -18.04 4.29 4.85
N GLY A 17 -19.20 4.91 5.07
CA GLY A 17 -19.34 6.33 4.82
C GLY A 17 -18.41 7.13 5.72
N HIS A 18 -18.28 6.68 6.96
CA HIS A 18 -17.40 7.34 7.92
C HIS A 18 -15.99 6.77 7.88
N LEU A 19 -15.89 5.45 7.69
CA LEU A 19 -14.62 4.76 7.78
C LEU A 19 -13.67 5.10 6.62
N THR A 20 -14.24 5.30 5.43
CA THR A 20 -13.43 5.54 4.24
C THR A 20 -12.63 6.84 4.30
N PRO A 21 -13.26 7.97 4.66
CA PRO A 21 -12.43 9.17 4.73
C PRO A 21 -11.48 9.17 5.93
N CYS A 22 -11.80 8.37 6.95
CA CYS A 22 -10.92 8.25 8.11
C CYS A 22 -9.64 7.50 7.76
N LEU A 23 -9.79 6.38 7.06
CA LEU A 23 -8.63 5.58 6.65
C LEU A 23 -7.78 6.32 5.61
N ARG A 24 -8.45 6.95 4.65
CA ARG A 24 -7.76 7.73 3.63
C ARG A 24 -6.96 8.87 4.23
N PHE A 25 -7.51 9.49 5.26
CA PHE A 25 -6.84 10.57 5.96
C PHE A 25 -5.68 10.05 6.78
N ALA A 26 -5.84 8.85 7.33
CA ALA A 26 -4.75 8.19 8.04
C ALA A 26 -3.56 7.98 7.12
N ALA A 27 -3.83 7.50 5.91
CA ALA A 27 -2.78 7.26 4.92
C ALA A 27 -2.09 8.55 4.50
N THR A 28 -2.86 9.63 4.40
CA THR A 28 -2.30 10.93 4.05
C THR A 28 -1.35 11.40 5.15
N LEU A 29 -1.83 11.39 6.39
CA LEU A 29 -1.03 11.77 7.55
C LEU A 29 0.29 11.01 7.59
N VAL A 30 0.21 9.70 7.42
CA VAL A 30 1.39 8.84 7.37
C VAL A 30 2.36 9.25 6.26
N GLN A 31 1.81 9.67 5.13
CA GLN A 31 2.65 10.06 3.99
C GLN A 31 3.10 11.51 4.10
N HIS A 32 2.76 12.15 5.22
CA HIS A 32 3.21 13.52 5.50
C HIS A 32 4.04 13.56 6.78
N HIS A 33 4.74 12.47 7.04
CA HIS A 33 5.64 12.37 8.19
C HIS A 33 4.96 12.60 9.53
N CYS A 34 3.86 11.88 9.76
CA CYS A 34 3.23 11.82 11.07
C CYS A 34 3.14 10.37 11.51
N ARG A 35 3.02 10.14 12.81
CA ARG A 35 2.74 8.80 13.30
C ARG A 35 1.24 8.68 13.59
N VAL A 36 0.61 7.66 13.03
CA VAL A 36 -0.83 7.49 13.16
C VAL A 36 -1.18 6.23 13.92
N THR A 37 -2.13 6.35 14.85
CA THR A 37 -2.64 5.20 15.57
C THR A 37 -4.16 5.21 15.49
N ILE A 38 -4.74 4.22 14.82
CA ILE A 38 -6.19 4.18 14.67
C ILE A 38 -6.81 3.35 15.80
N ILE A 39 -7.94 3.82 16.32
CA ILE A 39 -8.61 3.15 17.43
C ILE A 39 -9.88 2.46 16.94
N THR A 40 -9.76 1.14 16.72
CA THR A 40 -10.82 0.36 16.11
C THR A 40 -11.80 -0.19 17.14
N ASN A 41 -12.96 -0.62 16.68
CA ASN A 41 -13.90 -1.34 17.54
C ASN A 41 -14.53 -2.51 16.78
N TYR A 42 -14.49 -3.69 17.39
CA TYR A 42 -15.02 -4.89 16.75
C TYR A 42 -16.14 -5.48 17.59
N PRO A 43 -17.04 -6.27 16.97
CA PRO A 43 -17.09 -6.62 15.55
C PRO A 43 -17.78 -5.55 14.70
N THR A 44 -17.19 -5.21 13.56
CA THR A 44 -17.77 -4.20 12.68
C THR A 44 -19.15 -4.65 12.20
N VAL A 45 -20.07 -3.71 12.07
CA VAL A 45 -21.42 -4.03 11.62
C VAL A 45 -21.37 -4.69 10.25
N SER A 46 -20.55 -4.14 9.36
CA SER A 46 -20.43 -4.65 8.00
C SER A 46 -19.08 -5.32 7.73
N VAL A 47 -19.11 -6.35 6.90
CA VAL A 47 -17.90 -7.09 6.54
C VAL A 47 -16.90 -6.19 5.82
N ALA A 48 -17.41 -5.25 5.04
CA ALA A 48 -16.57 -4.32 4.30
C ALA A 48 -15.65 -3.53 5.22
N GLU A 49 -16.20 -3.00 6.31
CA GLU A 49 -15.42 -2.29 7.31
C GLU A 49 -14.21 -3.09 7.78
N SER A 50 -14.45 -4.35 8.11
CA SER A 50 -13.40 -5.26 8.57
C SER A 50 -12.31 -5.43 7.52
N ARG A 51 -12.71 -5.61 6.28
CA ARG A 51 -11.77 -5.79 5.17
C ARG A 51 -10.94 -4.53 4.89
N ALA A 52 -11.59 -3.37 4.98
CA ALA A 52 -10.93 -2.10 4.71
C ALA A 52 -9.79 -1.85 5.69
N ILE A 53 -10.03 -2.20 6.96
CA ILE A 53 -9.04 -2.00 8.01
C ILE A 53 -7.88 -2.97 7.86
N SER A 54 -8.20 -4.24 7.60
CA SER A 54 -7.17 -5.26 7.41
C SER A 54 -6.30 -4.92 6.21
N LEU A 55 -6.90 -4.31 5.20
CA LEU A 55 -6.16 -3.94 4.00
C LEU A 55 -5.29 -2.71 4.24
N LEU A 56 -5.73 -1.82 5.13
CA LEU A 56 -4.94 -0.64 5.45
C LEU A 56 -3.73 -0.99 6.30
N LEU A 57 -3.95 -1.83 7.31
CA LEU A 57 -2.86 -2.24 8.20
C LEU A 57 -1.84 -3.09 7.47
N SER A 58 -2.29 -3.85 6.49
CA SER A 58 -1.40 -4.68 5.69
C SER A 58 -0.53 -3.81 4.80
N ASP A 59 -1.12 -2.76 4.25
CA ASP A 59 -0.38 -1.84 3.38
C ASP A 59 0.45 -0.85 4.18
N PHE A 60 -0.01 -0.55 5.39
CA PHE A 60 0.69 0.41 6.23
C PHE A 60 1.05 -0.18 7.59
N PRO A 61 2.12 -0.99 7.63
CA PRO A 61 2.59 -1.59 8.88
C PRO A 61 2.98 -0.55 9.92
N GLN A 62 3.25 0.67 9.48
CA GLN A 62 3.67 1.73 10.38
C GLN A 62 2.47 2.37 11.08
N ILE A 63 1.29 1.79 10.90
CA ILE A 63 0.08 2.29 11.55
C ILE A 63 -0.37 1.39 12.69
N THR A 64 -0.14 1.85 13.91
CA THR A 64 -0.52 1.11 15.11
C THR A 64 -2.04 1.04 15.24
N GLU A 65 -2.54 -0.12 15.67
CA GLU A 65 -3.97 -0.27 15.96
C GLU A 65 -4.23 -0.65 17.42
N LYS A 66 -4.94 0.22 18.13
CA LYS A 66 -5.39 -0.08 19.49
C LYS A 66 -6.88 -0.35 19.45
N GLN A 67 -7.31 -1.46 20.04
CA GLN A 67 -8.73 -1.78 20.01
C GLN A 67 -9.48 -1.19 21.18
N PHE A 68 -10.56 -0.49 20.87
CA PHE A 68 -11.47 0.04 21.87
C PHE A 68 -12.48 -1.03 22.23
N HIS A 69 -12.54 -1.40 23.51
CA HIS A 69 -13.51 -2.40 23.94
C HIS A 69 -14.73 -1.74 24.58
N LEU A 70 -15.86 -1.79 23.87
CA LEU A 70 -17.07 -1.13 24.33
C LEU A 70 -17.72 -1.87 25.48
N LEU A 71 -18.56 -1.16 26.22
CA LEU A 71 -19.35 -1.77 27.27
C LEU A 71 -20.44 -2.63 26.65
N PRO A 72 -20.87 -3.70 27.35
CA PRO A 72 -21.97 -4.53 26.89
C PRO A 72 -23.23 -3.69 26.68
N PHE A 73 -23.89 -3.87 25.54
CA PHE A 73 -24.95 -2.97 25.11
C PHE A 73 -26.28 -3.68 24.88
N ASP A 74 -27.35 -3.12 25.44
CA ASP A 74 -28.70 -3.65 25.22
C ASP A 74 -29.45 -2.78 24.22
N PRO A 75 -29.58 -3.26 22.97
CA PRO A 75 -30.17 -2.49 21.87
C PRO A 75 -31.60 -2.02 22.13
N SER A 76 -32.29 -2.69 23.06
CA SER A 76 -33.65 -2.32 23.40
C SER A 76 -33.74 -1.03 24.20
N THR A 77 -32.59 -0.53 24.66
CA THR A 77 -32.55 0.73 25.39
C THR A 77 -32.46 1.91 24.43
N ALA A 78 -32.44 1.63 23.13
CA ALA A 78 -32.29 2.67 22.13
C ALA A 78 -33.55 2.84 21.27
N ASN A 79 -33.74 4.04 20.74
CA ASN A 79 -34.91 4.37 19.96
C ASN A 79 -35.04 3.60 18.66
N THR A 80 -33.89 3.34 18.03
CA THR A 80 -33.88 2.90 16.63
C THR A 80 -33.48 1.45 16.43
N THR A 81 -33.78 0.94 15.25
CA THR A 81 -33.43 -0.43 14.87
C THR A 81 -32.30 -0.45 13.85
N ASP A 82 -31.75 0.72 13.55
CA ASP A 82 -30.65 0.85 12.59
C ASP A 82 -29.32 0.43 13.19
N PRO A 83 -28.74 -0.65 12.66
CA PRO A 83 -27.50 -1.26 13.15
C PRO A 83 -26.36 -0.27 13.37
N PHE A 84 -26.12 0.60 12.39
CA PHE A 84 -25.03 1.57 12.46
C PHE A 84 -25.24 2.61 13.57
N PHE A 85 -26.44 3.14 13.65
CA PHE A 85 -26.78 4.10 14.70
C PHE A 85 -26.64 3.45 16.07
N LEU A 86 -27.07 2.20 16.16
CA LEU A 86 -26.94 1.44 17.39
C LEU A 86 -25.48 1.32 17.79
N ARG A 87 -24.61 1.04 16.81
CA ARG A 87 -23.19 0.92 17.09
C ARG A 87 -22.58 2.25 17.56
N TRP A 88 -23.00 3.35 16.94
CA TRP A 88 -22.57 4.67 17.37
C TRP A 88 -22.87 4.85 18.85
N GLU A 89 -24.09 4.51 19.24
CA GLU A 89 -24.54 4.68 20.61
C GLU A 89 -23.74 3.81 21.58
N ALA A 90 -23.32 2.63 21.13
CA ALA A 90 -22.52 1.75 21.96
C ALA A 90 -21.16 2.38 22.26
N ILE A 91 -20.57 3.02 21.25
CA ILE A 91 -19.24 3.62 21.39
C ILE A 91 -19.30 4.87 22.25
N ARG A 92 -20.40 5.61 22.13
CA ARG A 92 -20.57 6.84 22.89
C ARG A 92 -20.81 6.53 24.36
N ARG A 93 -21.45 5.40 24.63
CA ARG A 93 -21.74 4.99 26.00
C ARG A 93 -20.51 4.46 26.71
N SER A 94 -19.45 4.23 25.95
CA SER A 94 -18.21 3.69 26.50
C SER A 94 -17.14 4.77 26.60
N ALA A 95 -17.55 6.02 26.56
CA ALA A 95 -16.64 7.16 26.45
C ALA A 95 -15.66 7.29 27.62
N HIS A 96 -16.13 6.97 28.83
CA HIS A 96 -15.29 7.10 30.01
C HIS A 96 -14.14 6.10 30.01
N LEU A 97 -14.23 5.10 29.14
CA LEU A 97 -13.20 4.06 29.05
C LEU A 97 -12.06 4.41 28.10
N LEU A 98 -12.24 5.47 27.31
CA LEU A 98 -11.20 5.84 26.36
C LEU A 98 -10.05 6.53 27.07
N ASN A 99 -10.35 7.14 28.22
CA ASN A 99 -9.35 7.88 28.98
C ASN A 99 -8.13 7.06 29.39
N PRO A 100 -8.35 5.88 30.01
CA PRO A 100 -7.14 5.11 30.36
C PRO A 100 -6.39 4.60 29.13
N LEU A 101 -7.13 4.29 28.08
CA LEU A 101 -6.54 3.72 26.85
C LEU A 101 -5.56 4.68 26.18
N LEU A 102 -5.89 5.97 26.17
CA LEU A 102 -5.04 6.97 25.53
C LEU A 102 -3.75 7.21 26.30
N SER A 103 -3.84 7.08 27.62
CA SER A 103 -2.68 7.28 28.50
C SER A 103 -1.58 6.25 28.24
N SER A 104 -1.99 5.05 27.82
CA SER A 104 -1.05 3.97 27.57
C SER A 104 -0.18 4.23 26.35
N ILE A 105 -0.80 4.76 25.30
CA ILE A 105 -0.15 4.91 24.00
C ILE A 105 1.17 5.69 24.05
N SER A 106 2.24 5.05 23.61
CA SER A 106 3.54 5.72 23.50
C SER A 106 4.13 5.53 22.11
N PRO A 107 4.77 6.58 21.57
CA PRO A 107 5.02 7.91 22.15
C PRO A 107 3.75 8.74 22.35
N PRO A 108 3.77 9.71 23.28
CA PRO A 108 2.61 10.54 23.62
C PRO A 108 2.01 11.29 22.41
N LEU A 109 0.69 11.45 22.43
CA LEU A 109 -0.01 12.01 21.28
C LEU A 109 0.16 13.52 21.19
N SER A 110 -0.18 14.07 20.04
CA SER A 110 -0.15 15.51 19.82
C SER A 110 -1.53 16.03 19.44
N ALA A 111 -2.35 15.14 18.90
CA ALA A 111 -3.70 15.48 18.49
C ALA A 111 -4.60 14.24 18.39
N LEU A 112 -5.87 14.41 18.75
CA LEU A 112 -6.85 13.33 18.62
C LEU A 112 -7.93 13.72 17.62
N VAL A 113 -7.99 12.99 16.51
CA VAL A 113 -8.97 13.26 15.47
C VAL A 113 -10.19 12.38 15.63
N ILE A 114 -11.29 12.98 16.09
CA ILE A 114 -12.51 12.25 16.38
C ILE A 114 -13.44 12.20 15.17
N ASP A 115 -14.15 11.09 15.00
CA ASP A 115 -15.20 10.98 13.99
C ASP A 115 -16.34 11.94 14.35
N ASP A 116 -17.06 12.44 13.35
CA ASP A 116 -18.02 13.52 13.59
C ASP A 116 -19.27 13.07 14.33
N SER A 117 -19.44 11.76 14.47
CA SER A 117 -20.62 11.22 15.13
C SER A 117 -20.40 10.96 16.62
N LEU A 118 -19.15 11.16 17.07
CA LEU A 118 -18.78 10.85 18.44
C LEU A 118 -18.28 12.09 19.20
N VAL A 119 -18.35 13.25 18.55
CA VAL A 119 -17.77 14.49 19.07
C VAL A 119 -18.28 14.87 20.45
N SER A 120 -19.59 14.77 20.64
CA SER A 120 -20.22 15.10 21.92
C SER A 120 -19.59 14.37 23.08
N SER A 121 -19.33 13.08 22.89
CA SER A 121 -18.94 12.19 23.98
C SER A 121 -17.44 12.15 24.27
N PHE A 122 -16.62 12.49 23.28
CA PHE A 122 -15.17 12.28 23.39
C PHE A 122 -14.36 13.57 23.43
N VAL A 123 -14.98 14.69 23.09
CA VAL A 123 -14.32 15.98 23.25
C VAL A 123 -14.02 16.26 24.73
N PRO A 124 -14.95 15.94 25.66
CA PRO A 124 -14.58 16.06 27.07
C PRO A 124 -13.36 15.22 27.46
N VAL A 125 -13.32 13.98 27.00
CA VAL A 125 -12.20 13.08 27.28
C VAL A 125 -10.87 13.69 26.87
N ALA A 126 -10.82 14.25 25.66
CA ALA A 126 -9.60 14.83 25.12
C ALA A 126 -9.18 16.07 25.88
N ALA A 127 -10.17 16.79 26.43
CA ALA A 127 -9.90 17.98 27.21
C ALA A 127 -9.14 17.65 28.49
N ASN A 128 -9.52 16.54 29.12
CA ASN A 128 -8.88 16.08 30.35
C ASN A 128 -7.38 15.86 30.22
N LEU A 129 -6.94 15.41 29.04
CA LEU A 129 -5.54 15.10 28.81
C LEU A 129 -4.81 16.24 28.11
N ASP A 130 -5.45 17.40 28.07
CA ASP A 130 -4.93 18.57 27.34
C ASP A 130 -4.59 18.24 25.89
N LEU A 131 -5.48 17.48 25.25
CA LEU A 131 -5.26 17.02 23.89
C LEU A 131 -6.02 17.84 22.87
N PRO A 132 -5.30 18.42 21.89
CA PRO A 132 -5.97 19.06 20.75
C PRO A 132 -6.88 18.06 20.05
N SER A 133 -8.15 18.37 19.97
CA SER A 133 -9.10 17.50 19.29
C SER A 133 -9.58 18.12 17.99
N TYR A 134 -9.67 17.29 16.95
CA TYR A 134 -10.12 17.76 15.66
C TYR A 134 -11.28 16.91 15.15
N VAL A 135 -12.38 17.57 14.79
CA VAL A 135 -13.50 16.87 14.19
C VAL A 135 -13.21 16.53 12.74
N LEU A 136 -13.33 15.25 12.40
CA LEU A 136 -13.24 14.83 11.01
C LEU A 136 -14.66 14.78 10.47
N PHE A 137 -15.09 15.82 9.77
CA PHE A 137 -16.43 15.84 9.22
C PHE A 137 -16.46 15.07 7.91
N THR A 138 -17.38 14.12 7.83
CA THR A 138 -17.43 13.19 6.72
C THR A 138 -18.32 13.67 5.57
N SER A 139 -18.98 14.80 5.76
CA SER A 139 -19.87 15.34 4.73
C SER A 139 -19.42 16.72 4.27
N SER A 140 -20.31 17.44 3.59
CA SER A 140 -19.99 18.73 3.00
C SER A 140 -19.96 19.87 4.02
N THR A 141 -19.45 21.03 3.61
CA THR A 141 -19.34 22.17 4.51
C THR A 141 -20.71 22.74 4.86
N ARG A 142 -21.60 22.78 3.87
CA ARG A 142 -22.95 23.28 4.07
C ARG A 142 -23.72 22.35 5.01
N ALA A 143 -23.33 21.08 5.01
CA ALA A 143 -23.94 20.11 5.92
C ALA A 143 -23.41 20.30 7.34
N CYS A 144 -22.13 20.62 7.44
CA CYS A 144 -21.51 20.86 8.74
C CYS A 144 -22.04 22.14 9.36
N SER A 145 -22.52 23.04 8.51
CA SER A 145 -22.97 24.33 8.99
C SER A 145 -24.42 24.24 9.46
N LEU A 146 -25.17 23.32 8.89
CA LEU A 146 -26.54 23.09 9.34
C LEU A 146 -26.55 22.38 10.70
N GLU A 147 -25.64 21.43 10.86
CA GLU A 147 -25.49 20.69 12.11
C GLU A 147 -25.19 21.61 13.28
N GLU A 148 -24.42 22.67 13.04
CA GLU A 148 -24.09 23.61 14.09
C GLU A 148 -25.28 24.50 14.43
N THR A 149 -26.10 24.79 13.43
CA THR A 149 -27.19 25.75 13.56
C THR A 149 -28.48 25.11 14.06
N PHE A 150 -28.68 23.83 13.73
CA PHE A 150 -29.92 23.13 14.10
C PHE A 150 -30.29 23.16 15.59
N PRO A 151 -29.31 23.08 16.51
CA PRO A 151 -29.71 23.25 17.91
C PRO A 151 -30.39 24.57 18.19
N ALA A 152 -29.82 25.66 17.65
CA ALA A 152 -30.39 26.99 17.81
C ALA A 152 -31.80 27.08 17.23
N PHE A 153 -32.06 26.29 16.19
CA PHE A 153 -33.34 26.34 15.49
C PHE A 153 -34.48 25.72 16.31
N VAL A 154 -34.27 24.49 16.77
CA VAL A 154 -35.31 23.78 17.51
C VAL A 154 -35.61 24.46 18.85
N ALA A 155 -34.62 25.14 19.40
CA ALA A 155 -34.79 25.87 20.65
C ALA A 155 -35.77 27.03 20.48
N SER A 156 -35.80 27.60 19.28
CA SER A 156 -36.63 28.77 18.98
C SER A 156 -38.09 28.42 18.84
N LYS A 157 -38.37 27.17 18.48
CA LYS A 157 -39.74 26.73 18.24
C LYS A 157 -40.44 26.26 19.51
N THR A 158 -41.63 26.82 19.75
CA THR A 158 -42.47 26.36 20.84
C THR A 158 -43.00 24.98 20.50
N ASN A 159 -43.66 24.88 19.34
CA ASN A 159 -44.15 23.63 18.81
C ASN A 159 -43.38 23.25 17.55
N PHE A 160 -42.56 22.20 17.65
CA PHE A 160 -41.73 21.79 16.52
C PHE A 160 -42.50 20.87 15.58
N ASP A 161 -43.77 20.62 15.87
CA ASP A 161 -44.58 19.77 15.02
C ASP A 161 -45.28 20.58 13.93
N SER A 162 -45.83 21.72 14.33
CA SER A 162 -46.50 22.61 13.38
C SER A 162 -45.49 23.49 12.66
N ILE A 163 -44.58 22.85 11.93
CA ILE A 163 -43.57 23.57 11.17
C ILE A 163 -43.73 23.24 9.69
N GLN A 164 -43.74 24.28 8.86
CA GLN A 164 -43.99 24.07 7.43
C GLN A 164 -42.73 23.64 6.70
N LEU A 165 -42.91 22.86 5.65
CA LEU A 165 -41.80 22.49 4.78
C LEU A 165 -41.25 23.71 4.04
N ASP A 166 -42.10 24.73 3.88
CA ASP A 166 -41.72 25.96 3.20
C ASP A 166 -40.72 26.78 4.01
N ASP A 167 -40.75 26.60 5.32
CA ASP A 167 -39.89 27.37 6.22
C ASP A 167 -38.41 27.15 5.92
N VAL A 168 -37.58 28.15 6.19
CA VAL A 168 -36.15 28.02 5.95
C VAL A 168 -35.36 28.11 7.24
N ILE A 169 -34.17 27.50 7.24
CA ILE A 169 -33.24 27.62 8.36
C ILE A 169 -32.00 28.35 7.86
N GLU A 170 -31.81 29.58 8.31
CA GLU A 170 -30.71 30.39 7.80
C GLU A 170 -29.36 29.88 8.27
N ILE A 171 -28.43 29.76 7.33
CA ILE A 171 -27.07 29.31 7.59
C ILE A 171 -26.09 30.44 7.36
N PRO A 172 -25.20 30.71 8.33
CA PRO A 172 -24.20 31.77 8.14
C PRO A 172 -23.25 31.45 6.99
N GLY A 173 -23.25 32.32 5.97
CA GLY A 173 -22.29 32.19 4.88
C GLY A 173 -22.76 31.30 3.75
N PHE A 174 -23.88 30.63 3.94
CA PHE A 174 -24.41 29.73 2.92
C PHE A 174 -25.84 30.09 2.54
N SER A 175 -26.27 29.66 1.36
CA SER A 175 -27.66 29.77 0.95
C SER A 175 -28.53 29.02 1.95
N PRO A 176 -29.58 29.68 2.47
CA PRO A 176 -30.48 29.07 3.47
C PRO A 176 -30.98 27.69 3.06
N VAL A 177 -31.27 26.83 4.04
CA VAL A 177 -31.71 25.47 3.74
C VAL A 177 -33.20 25.30 4.07
N PRO A 178 -33.98 24.88 3.08
CA PRO A 178 -35.41 24.58 3.25
C PRO A 178 -35.60 23.34 4.10
N VAL A 179 -36.67 23.29 4.90
CA VAL A 179 -36.92 22.17 5.79
C VAL A 179 -37.14 20.88 4.99
N SER A 180 -37.58 21.02 3.75
CA SER A 180 -37.71 19.88 2.85
C SER A 180 -36.35 19.24 2.55
N SER A 181 -35.27 20.00 2.73
CA SER A 181 -33.93 19.48 2.48
C SER A 181 -33.30 18.92 3.76
N VAL A 182 -33.85 19.32 4.89
CA VAL A 182 -33.45 18.79 6.19
C VAL A 182 -33.77 17.30 6.25
N PRO A 183 -32.82 16.50 6.79
CA PRO A 183 -33.01 15.05 7.01
C PRO A 183 -34.35 14.75 7.66
N PRO A 184 -35.19 13.93 7.02
CA PRO A 184 -36.58 13.69 7.45
C PRO A 184 -36.68 13.28 8.91
N THR A 185 -35.63 12.66 9.44
CA THR A 185 -35.61 12.19 10.82
C THR A 185 -35.43 13.35 11.79
N PHE A 186 -34.86 14.46 11.33
CA PHE A 186 -34.68 15.64 12.19
C PHE A 186 -36.02 16.19 12.67
N LEU A 187 -37.04 16.10 11.83
CA LEU A 187 -38.37 16.57 12.19
C LEU A 187 -38.89 15.77 13.36
N ASN A 188 -38.40 14.53 13.45
CA ASN A 188 -38.62 13.69 14.60
C ASN A 188 -37.52 13.89 15.63
N LEU A 189 -37.63 14.94 16.44
CA LEU A 189 -36.80 15.06 17.63
C LEU A 189 -37.09 13.84 18.49
N ASN A 190 -36.19 13.51 19.40
CA ASN A 190 -36.34 12.37 20.31
C ASN A 190 -36.00 11.03 19.64
N HIS A 191 -35.81 11.04 18.32
CA HIS A 191 -35.18 9.90 17.64
C HIS A 191 -33.69 9.92 17.96
N LEU A 192 -33.12 8.74 18.20
CA LEU A 192 -31.73 8.64 18.63
C LEU A 192 -30.75 9.35 17.69
N PHE A 193 -31.06 9.33 16.39
CA PHE A 193 -30.23 10.03 15.41
C PHE A 193 -30.26 11.54 15.65
N THR A 194 -31.44 12.07 15.92
CA THR A 194 -31.63 13.50 16.12
C THR A 194 -30.98 13.97 17.42
N THR A 195 -31.14 13.18 18.46
CA THR A 195 -30.58 13.53 19.76
C THR A 195 -29.06 13.51 19.72
N MET A 196 -28.51 12.62 18.90
CA MET A 196 -27.06 12.51 18.75
C MET A 196 -26.47 13.66 17.95
N LEU A 197 -27.21 14.13 16.95
CA LEU A 197 -26.70 15.18 16.08
C LEU A 197 -26.93 16.56 16.68
N ILE A 198 -27.91 16.68 17.56
CA ILE A 198 -28.12 17.93 18.28
C ILE A 198 -26.95 18.17 19.24
N GLN A 199 -26.55 17.12 19.96
CA GLN A 199 -25.46 17.22 20.92
C GLN A 199 -24.08 17.38 20.26
N ASN A 200 -23.88 16.72 19.13
CA ASN A 200 -22.61 16.84 18.41
C ASN A 200 -22.42 18.27 17.88
N GLY A 201 -23.46 18.78 17.24
CA GLY A 201 -23.42 20.10 16.64
C GLY A 201 -23.17 21.20 17.64
N GLN A 202 -23.47 20.93 18.91
CA GLN A 202 -23.24 21.89 19.98
C GLN A 202 -21.80 21.85 20.47
N SER A 203 -21.11 20.76 20.14
CA SER A 203 -19.79 20.51 20.71
C SER A 203 -18.65 20.75 19.73
N PHE A 204 -18.99 20.99 18.47
CA PHE A 204 -17.99 21.31 17.44
C PHE A 204 -17.10 22.48 17.89
N ARG A 205 -17.73 23.46 18.52
CA ARG A 205 -17.05 24.67 18.96
C ARG A 205 -15.99 24.38 20.01
N LYS A 206 -16.05 23.20 20.60
CA LYS A 206 -15.10 22.80 21.64
C LYS A 206 -13.86 22.15 21.03
N ALA A 207 -13.91 21.88 19.74
CA ALA A 207 -12.79 21.26 19.05
C ALA A 207 -11.81 22.32 18.56
N ASN A 208 -10.56 21.93 18.34
CA ASN A 208 -9.53 22.85 17.89
C ASN A 208 -9.61 23.13 16.40
N GLY A 209 -10.41 22.34 15.69
CA GLY A 209 -10.59 22.54 14.27
C GLY A 209 -11.60 21.58 13.69
N ILE A 210 -12.05 21.88 12.47
CA ILE A 210 -12.97 20.99 11.77
C ILE A 210 -12.42 20.63 10.40
N LEU A 211 -12.15 19.34 10.20
CA LEU A 211 -11.58 18.85 8.95
C LEU A 211 -12.69 18.45 7.98
N ILE A 212 -12.63 18.94 6.75
CA ILE A 212 -13.67 18.66 5.77
C ILE A 212 -13.08 18.10 4.48
N ASN A 213 -13.73 17.08 3.94
CA ASN A 213 -13.27 16.46 2.69
C ASN A 213 -13.70 17.29 1.50
N THR A 214 -13.15 18.48 1.39
CA THR A 214 -13.49 19.40 0.32
C THR A 214 -12.28 20.24 -0.03
N PHE A 215 -12.37 20.99 -1.12
CA PHE A 215 -11.35 21.99 -1.44
C PHE A 215 -11.99 23.32 -1.77
N GLU A 216 -11.21 24.40 -1.67
CA GLU A 216 -11.76 25.76 -1.74
C GLU A 216 -12.47 26.08 -3.04
N ALA A 217 -11.89 25.64 -4.15
CA ALA A 217 -12.43 25.94 -5.48
C ALA A 217 -13.84 25.40 -5.63
N LEU A 218 -14.11 24.28 -4.97
CA LEU A 218 -15.42 23.65 -5.01
C LEU A 218 -16.50 24.52 -4.39
N GLU A 219 -16.14 25.21 -3.31
CA GLU A 219 -17.09 25.97 -2.51
C GLU A 219 -17.36 27.37 -3.08
N GLY A 220 -16.64 27.72 -4.14
CA GLY A 220 -16.85 29.00 -4.80
C GLY A 220 -16.19 30.15 -4.08
N GLY A 221 -15.19 29.84 -3.26
CA GLY A 221 -14.42 30.88 -2.59
C GLY A 221 -15.14 31.61 -1.49
N ILE A 222 -16.18 31.00 -0.94
CA ILE A 222 -16.90 31.60 0.17
C ILE A 222 -16.23 31.23 1.49
N LEU A 223 -15.37 30.22 1.44
CA LEU A 223 -14.75 29.66 2.64
C LEU A 223 -13.79 30.62 3.39
N PRO A 224 -12.87 31.29 2.68
CA PRO A 224 -11.98 32.19 3.42
C PRO A 224 -12.71 33.31 4.17
N GLY A 225 -13.76 33.85 3.56
CA GLY A 225 -14.57 34.84 4.23
C GLY A 225 -15.23 34.28 5.48
N ILE A 226 -15.81 33.09 5.34
CA ILE A 226 -16.53 32.45 6.43
C ILE A 226 -15.60 32.19 7.62
N ASN A 227 -14.37 31.76 7.33
CA ASN A 227 -13.39 31.52 8.39
C ASN A 227 -12.96 32.80 9.09
N ASP A 228 -13.01 33.92 8.36
CA ASP A 228 -12.69 35.21 8.96
C ASP A 228 -13.79 35.63 9.94
N LYS A 229 -15.04 35.30 9.61
CA LYS A 229 -16.16 35.61 10.49
C LYS A 229 -16.18 34.65 11.67
N ARG A 230 -15.82 33.40 11.42
CA ARG A 230 -15.81 32.38 12.47
C ARG A 230 -14.74 32.64 13.52
N ALA A 231 -13.58 33.12 13.07
CA ALA A 231 -12.48 33.43 13.98
C ALA A 231 -12.83 34.64 14.85
N ALA A 232 -13.60 35.56 14.28
CA ALA A 232 -13.97 36.78 14.97
C ALA A 232 -15.03 36.52 16.03
N ASP A 233 -15.50 35.29 16.12
CA ASP A 233 -16.51 34.91 17.10
C ASP A 233 -16.06 33.70 17.93
N GLY A 234 -14.75 33.49 18.00
CA GLY A 234 -14.18 32.43 18.82
C GLY A 234 -14.67 31.04 18.44
N LEU A 235 -14.78 30.80 17.13
CA LEU A 235 -15.19 29.49 16.63
C LEU A 235 -14.03 28.83 15.91
N PRO A 236 -13.91 27.49 16.06
CA PRO A 236 -12.87 26.71 15.38
C PRO A 236 -12.99 26.81 13.86
N PRO A 237 -11.86 26.87 13.15
CA PRO A 237 -11.83 27.07 11.70
C PRO A 237 -12.26 25.84 10.89
N TYR A 238 -12.86 26.08 9.73
CA TYR A 238 -13.13 25.03 8.76
C TYR A 238 -11.86 24.68 8.00
N CYS A 239 -11.36 23.47 8.20
CA CYS A 239 -10.10 23.07 7.59
C CYS A 239 -10.32 22.13 6.42
N SER A 240 -10.13 22.65 5.21
CA SER A 240 -10.32 21.87 4.00
C SER A 240 -9.04 21.13 3.63
N VAL A 241 -9.04 19.81 3.80
CA VAL A 241 -7.89 18.98 3.45
C VAL A 241 -8.23 18.02 2.32
N GLY A 242 -9.45 18.09 1.80
CA GLY A 242 -9.85 17.26 0.69
C GLY A 242 -9.33 17.83 -0.61
N PRO A 243 -9.41 17.07 -1.71
CA PRO A 243 -9.97 15.72 -1.77
C PRO A 243 -9.02 14.70 -1.15
N LEU A 244 -9.54 13.83 -0.29
CA LEU A 244 -8.73 12.81 0.36
C LEU A 244 -8.49 11.66 -0.61
N LEU A 245 -7.24 11.48 -1.02
CA LEU A 245 -6.91 10.53 -2.08
C LEU A 245 -7.15 9.07 -1.69
N PRO A 246 -7.86 8.34 -2.56
CA PRO A 246 -8.07 6.90 -2.42
C PRO A 246 -6.74 6.15 -2.37
N CYS A 247 -6.61 5.21 -1.43
CA CYS A 247 -5.36 4.49 -1.23
C CYS A 247 -5.13 3.47 -2.35
N LYS A 248 -3.93 2.90 -2.38
CA LYS A 248 -3.55 1.98 -3.45
C LYS A 248 -4.16 0.60 -3.25
N PHE A 249 -4.59 0.29 -2.02
CA PHE A 249 -5.18 -1.01 -1.74
C PHE A 249 -6.64 -1.06 -2.22
N GLU A 250 -7.08 0.03 -2.87
CA GLU A 250 -8.45 0.13 -3.37
C GLU A 250 -8.50 -0.09 -4.88
N LYS A 251 -7.47 -0.71 -5.45
CA LYS A 251 -7.39 -0.90 -6.89
C LYS A 251 -6.98 -2.32 -7.31
N THR A 252 -7.89 -3.27 -7.17
CA THR A 252 -7.67 -4.64 -7.68
C THR A 252 -7.97 -4.67 -9.17
N GLU A 253 -6.91 -4.62 -10.00
CA GLU A 253 -7.06 -4.36 -11.42
C GLU A 253 -7.68 -5.51 -12.23
N CYS A 254 -8.24 -6.50 -11.55
CA CYS A 254 -8.76 -7.68 -12.24
C CYS A 254 -10.19 -8.03 -11.85
N SER A 255 -10.92 -7.05 -11.31
CA SER A 255 -12.31 -7.25 -10.97
C SER A 255 -13.09 -7.62 -12.22
N ALA A 256 -14.08 -8.50 -12.07
CA ALA A 256 -14.97 -8.84 -13.17
C ALA A 256 -15.67 -7.60 -13.75
N PRO A 257 -16.21 -6.71 -12.90
CA PRO A 257 -16.83 -5.51 -13.50
C PRO A 257 -15.84 -4.59 -14.19
N VAL A 258 -14.61 -4.52 -13.68
CA VAL A 258 -13.58 -3.72 -14.34
C VAL A 258 -13.24 -4.30 -15.71
N LYS A 259 -13.16 -5.63 -15.78
CA LYS A 259 -12.87 -6.29 -17.04
C LYS A 259 -14.00 -6.14 -18.05
N TRP A 260 -15.23 -6.06 -17.56
CA TRP A 260 -16.39 -5.81 -18.42
C TRP A 260 -16.29 -4.43 -19.04
N LEU A 261 -15.87 -3.46 -18.24
CA LEU A 261 -15.76 -2.07 -18.66
C LEU A 261 -14.73 -1.88 -19.77
N ASP A 262 -13.70 -2.71 -19.79
CA ASP A 262 -12.64 -2.59 -20.79
C ASP A 262 -13.19 -2.87 -22.19
N ASP A 263 -14.34 -3.52 -22.24
CA ASP A 263 -14.96 -3.86 -23.52
C ASP A 263 -16.14 -2.94 -23.82
N GLN A 264 -16.08 -1.71 -23.32
CA GLN A 264 -17.15 -0.74 -23.53
C GLN A 264 -16.61 0.56 -24.12
N PRO A 265 -17.36 1.17 -25.04
CA PRO A 265 -16.99 2.46 -25.65
C PRO A 265 -16.72 3.56 -24.62
N GLU A 266 -15.91 4.55 -24.99
CA GLU A 266 -15.50 5.60 -24.06
C GLU A 266 -16.67 6.50 -23.64
N GLY A 267 -16.99 6.50 -22.35
CA GLY A 267 -17.98 7.40 -21.78
C GLY A 267 -19.43 7.02 -22.04
N SER A 268 -19.68 5.72 -22.21
CA SER A 268 -21.00 5.22 -22.58
C SER A 268 -21.71 4.48 -21.45
N VAL A 269 -20.97 4.23 -20.36
CA VAL A 269 -21.49 3.40 -19.27
C VAL A 269 -21.99 4.22 -18.08
N VAL A 270 -23.23 3.99 -17.68
CA VAL A 270 -23.81 4.67 -16.52
C VAL A 270 -23.66 3.84 -15.26
N TYR A 271 -22.83 4.31 -14.33
CA TYR A 271 -22.59 3.60 -13.07
C TYR A 271 -23.66 3.95 -12.04
N VAL A 272 -24.30 2.94 -11.44
CA VAL A 272 -25.39 3.19 -10.51
C VAL A 272 -25.18 2.56 -9.13
N SER A 273 -25.06 3.40 -8.11
CA SER A 273 -24.85 2.96 -6.74
C SER A 273 -25.49 3.87 -5.73
N PHE A 274 -26.11 3.30 -4.71
CA PHE A 274 -26.78 4.08 -3.68
C PHE A 274 -26.11 3.96 -2.30
N GLY A 275 -24.79 3.75 -2.30
CA GLY A 275 -24.04 3.77 -1.08
C GLY A 275 -23.80 2.40 -0.48
N SER A 276 -23.51 2.38 0.82
CA SER A 276 -23.07 1.17 1.49
C SER A 276 -23.90 0.81 2.72
N ARG A 277 -24.95 1.58 2.99
CA ARG A 277 -25.74 1.35 4.19
C ARG A 277 -27.23 1.58 3.92
N PHE A 278 -27.62 1.48 2.66
CA PHE A 278 -29.00 1.72 2.28
C PHE A 278 -29.43 0.86 1.10
N ALA A 279 -30.65 0.34 1.17
CA ALA A 279 -31.19 -0.50 0.11
C ALA A 279 -32.56 -0.02 -0.33
N LEU A 280 -32.78 0.04 -1.64
CA LEU A 280 -34.06 0.46 -2.18
C LEU A 280 -35.14 -0.57 -1.89
N SER A 281 -36.40 -0.12 -1.87
CA SER A 281 -37.54 -1.01 -1.67
C SER A 281 -37.67 -2.00 -2.83
N SER A 282 -38.47 -3.04 -2.63
CA SER A 282 -38.67 -4.04 -3.67
C SER A 282 -39.28 -3.42 -4.93
N GLU A 283 -40.28 -2.57 -4.73
CA GLU A 283 -40.95 -1.94 -5.87
C GLU A 283 -40.03 -0.98 -6.60
N GLN A 284 -39.26 -0.20 -5.84
CA GLN A 284 -38.35 0.76 -6.44
C GLN A 284 -37.22 0.06 -7.18
N ILE A 285 -36.77 -1.07 -6.64
CA ILE A 285 -35.72 -1.85 -7.30
C ILE A 285 -36.24 -2.36 -8.65
N LYS A 286 -37.48 -2.85 -8.65
CA LYS A 286 -38.08 -3.33 -9.89
C LYS A 286 -38.19 -2.22 -10.92
N GLU A 287 -38.63 -1.04 -10.49
CA GLU A 287 -38.80 0.09 -11.41
C GLU A 287 -37.47 0.60 -11.96
N LEU A 288 -36.44 0.61 -11.11
CA LEU A 288 -35.12 1.08 -11.52
C LEU A 288 -34.51 0.14 -12.56
N GLY A 289 -34.86 -1.14 -12.47
CA GLY A 289 -34.40 -2.11 -13.45
C GLY A 289 -35.02 -1.82 -14.80
N ASP A 290 -36.32 -1.48 -14.77
CA ASP A 290 -37.04 -1.12 -15.98
C ASP A 290 -36.41 0.12 -16.62
N GLY A 291 -36.16 1.13 -15.80
CA GLY A 291 -35.64 2.40 -16.28
C GLY A 291 -34.24 2.34 -16.86
N LEU A 292 -33.46 1.35 -16.44
CA LEU A 292 -32.10 1.20 -16.97
C LEU A 292 -32.14 0.68 -18.40
N ILE A 293 -33.09 -0.21 -18.68
CA ILE A 293 -33.28 -0.74 -20.03
C ILE A 293 -33.80 0.36 -20.94
N ARG A 294 -34.71 1.18 -20.42
CA ARG A 294 -35.32 2.27 -21.18
C ARG A 294 -34.36 3.40 -21.51
N SER A 295 -33.30 3.53 -20.73
CA SER A 295 -32.33 4.61 -20.93
C SER A 295 -31.63 4.50 -22.28
N GLY A 296 -31.55 3.27 -22.80
CA GLY A 296 -30.83 3.01 -24.03
C GLY A 296 -29.33 3.16 -23.80
N CYS A 297 -28.93 3.04 -22.55
CA CYS A 297 -27.53 3.22 -22.17
C CYS A 297 -26.94 1.94 -21.60
N ARG A 298 -25.65 1.73 -21.84
CA ARG A 298 -24.93 0.70 -21.13
C ARG A 298 -24.85 1.14 -19.67
N PHE A 299 -25.03 0.20 -18.76
CA PHE A 299 -25.03 0.56 -17.35
C PHE A 299 -24.32 -0.47 -16.48
N LEU A 300 -23.74 0.00 -15.39
CA LEU A 300 -23.17 -0.87 -14.36
C LEU A 300 -23.96 -0.64 -13.08
N TRP A 301 -24.72 -1.64 -12.66
CA TRP A 301 -25.67 -1.46 -11.57
C TRP A 301 -25.31 -2.28 -10.33
N VAL A 302 -25.09 -1.60 -9.21
CA VAL A 302 -24.76 -2.26 -7.96
C VAL A 302 -25.99 -2.29 -7.05
N VAL A 303 -26.57 -3.48 -6.89
CA VAL A 303 -27.81 -3.62 -6.15
C VAL A 303 -27.56 -3.99 -4.70
N LYS A 304 -28.33 -3.39 -3.80
CA LYS A 304 -28.37 -3.82 -2.40
C LYS A 304 -29.82 -4.04 -1.98
N CYS A 305 -30.08 -5.14 -1.29
CA CYS A 305 -31.42 -5.46 -0.84
C CYS A 305 -31.55 -5.26 0.67
N LYS A 306 -30.42 -5.11 1.34
CA LYS A 306 -30.38 -4.83 2.78
C LYS A 306 -29.23 -3.90 3.13
N LYS A 307 -29.35 -3.20 4.26
CA LYS A 307 -28.34 -2.24 4.69
C LYS A 307 -27.00 -2.91 4.98
N VAL A 308 -27.06 -4.03 5.68
CA VAL A 308 -25.83 -4.75 6.04
C VAL A 308 -25.52 -5.85 5.01
N ASP A 309 -24.37 -5.74 4.37
CA ASP A 309 -23.95 -6.70 3.34
C ASP A 309 -23.93 -8.13 3.88
N GLN A 310 -23.62 -8.24 5.16
CA GLN A 310 -23.53 -9.51 5.87
C GLN A 310 -24.86 -10.27 5.87
N GLU A 311 -25.97 -9.51 5.82
CA GLU A 311 -27.30 -10.08 5.91
C GLU A 311 -28.04 -10.14 4.57
N ASP A 312 -27.40 -9.72 3.50
CA ASP A 312 -28.03 -9.72 2.19
C ASP A 312 -27.77 -11.05 1.47
N GLU A 313 -28.19 -12.14 2.11
CA GLU A 313 -27.87 -13.48 1.63
C GLU A 313 -28.73 -13.92 0.46
N GLU A 314 -29.94 -13.39 0.37
CA GLU A 314 -30.86 -13.75 -0.71
C GLU A 314 -30.28 -13.41 -2.07
N SER A 315 -30.53 -14.29 -3.05
CA SER A 315 -30.09 -14.04 -4.42
C SER A 315 -31.04 -13.06 -5.11
N LEU A 316 -30.55 -12.39 -6.14
CA LEU A 316 -31.36 -11.43 -6.87
C LEU A 316 -32.54 -12.08 -7.57
N ASP A 317 -32.40 -13.39 -7.84
CA ASP A 317 -33.47 -14.18 -8.45
C ASP A 317 -34.78 -14.08 -7.67
N GLU A 318 -34.66 -14.04 -6.35
CA GLU A 318 -35.83 -14.06 -5.48
C GLU A 318 -36.68 -12.79 -5.57
N LEU A 319 -36.02 -11.63 -5.69
CA LEU A 319 -36.74 -10.36 -5.73
C LEU A 319 -37.38 -10.10 -7.09
N LEU A 320 -36.61 -10.31 -8.15
CA LEU A 320 -37.07 -9.99 -9.50
C LEU A 320 -37.68 -11.18 -10.24
N GLY A 321 -37.04 -12.34 -10.09
CA GLY A 321 -37.37 -13.50 -10.91
C GLY A 321 -36.27 -13.70 -11.92
N ARG A 322 -35.95 -14.95 -12.24
CA ARG A 322 -34.87 -15.24 -13.17
C ARG A 322 -35.18 -14.70 -14.56
N ASP A 323 -36.47 -14.65 -14.89
CA ASP A 323 -36.93 -14.11 -16.17
C ASP A 323 -36.50 -12.66 -16.32
N VAL A 324 -36.94 -11.81 -15.40
CA VAL A 324 -36.60 -10.40 -15.42
C VAL A 324 -35.09 -10.17 -15.24
N LEU A 325 -34.47 -10.93 -14.34
CA LEU A 325 -33.05 -10.73 -14.05
C LEU A 325 -32.16 -11.08 -15.23
N GLU A 326 -32.42 -12.22 -15.87
CA GLU A 326 -31.64 -12.63 -17.03
C GLU A 326 -31.80 -11.64 -18.18
N LYS A 327 -32.98 -11.03 -18.28
CA LYS A 327 -33.25 -10.04 -19.31
C LYS A 327 -32.39 -8.80 -19.14
N ILE A 328 -32.26 -8.34 -17.89
CA ILE A 328 -31.52 -7.12 -17.60
C ILE A 328 -30.03 -7.34 -17.84
N LYS A 329 -29.54 -8.53 -17.53
CA LYS A 329 -28.13 -8.85 -17.71
C LYS A 329 -27.70 -8.80 -19.18
N LYS A 330 -28.68 -8.71 -20.07
CA LYS A 330 -28.41 -8.58 -21.50
C LYS A 330 -28.10 -7.14 -21.90
N TYR A 331 -28.81 -6.20 -21.30
CA TYR A 331 -28.63 -4.79 -21.60
C TYR A 331 -27.48 -4.17 -20.81
N GLY A 332 -27.22 -4.71 -19.62
CA GLY A 332 -26.18 -4.17 -18.76
C GLY A 332 -25.65 -5.13 -17.73
N PHE A 333 -24.61 -4.69 -17.04
CA PHE A 333 -23.95 -5.46 -15.98
C PHE A 333 -24.63 -5.21 -14.65
N VAL A 334 -25.10 -6.29 -14.01
CA VAL A 334 -25.72 -6.18 -12.70
C VAL A 334 -24.98 -7.03 -11.69
N ILE A 335 -24.76 -6.48 -10.50
CA ILE A 335 -24.05 -7.22 -9.47
C ILE A 335 -24.57 -6.86 -8.07
N LYS A 336 -24.80 -7.88 -7.26
CA LYS A 336 -25.10 -7.65 -5.85
C LYS A 336 -23.91 -8.11 -5.01
N ASN A 337 -22.86 -7.30 -5.03
CA ASN A 337 -21.68 -7.55 -4.22
C ASN A 337 -20.96 -6.23 -3.95
N TRP A 338 -19.85 -6.28 -3.24
CA TRP A 338 -19.06 -5.09 -3.03
C TRP A 338 -18.14 -4.88 -4.21
N VAL A 339 -18.20 -3.70 -4.82
CA VAL A 339 -17.34 -3.37 -5.95
C VAL A 339 -16.38 -2.24 -5.57
N ASN A 340 -15.24 -2.17 -6.24
CA ASN A 340 -14.31 -1.08 -6.00
C ASN A 340 -14.76 0.16 -6.74
N GLN A 341 -15.56 0.98 -6.06
CA GLN A 341 -16.26 2.10 -6.70
C GLN A 341 -15.31 3.11 -7.33
N GLN A 342 -14.22 3.42 -6.64
CA GLN A 342 -13.30 4.43 -7.12
C GLN A 342 -12.54 3.90 -8.34
N GLU A 343 -12.42 2.58 -8.43
CA GLU A 343 -11.71 1.98 -9.56
C GLU A 343 -12.59 1.98 -10.80
N ILE A 344 -13.89 1.91 -10.59
CA ILE A 344 -14.84 1.96 -11.70
C ILE A 344 -14.99 3.40 -12.21
N LEU A 345 -15.00 4.35 -11.28
CA LEU A 345 -15.19 5.76 -11.63
C LEU A 345 -14.03 6.31 -12.46
N ASP A 346 -12.84 5.79 -12.25
CA ASP A 346 -11.67 6.26 -12.99
C ASP A 346 -11.65 5.67 -14.40
N HIS A 347 -12.30 4.51 -14.57
CA HIS A 347 -12.36 3.86 -15.88
C HIS A 347 -12.97 4.79 -16.93
N ARG A 348 -12.42 4.77 -18.14
CA ARG A 348 -12.81 5.71 -19.19
C ARG A 348 -14.12 5.34 -19.86
N ALA A 349 -14.62 4.15 -19.58
CA ALA A 349 -15.90 3.72 -20.13
C ALA A 349 -17.06 4.41 -19.42
N VAL A 350 -16.80 4.92 -18.21
CA VAL A 350 -17.85 5.46 -17.37
C VAL A 350 -18.10 6.93 -17.67
N GLY A 351 -19.32 7.23 -18.14
CA GLY A 351 -19.65 8.58 -18.56
C GLY A 351 -20.53 9.31 -17.58
N GLY A 352 -21.15 8.58 -16.66
CA GLY A 352 -22.02 9.19 -15.68
C GLY A 352 -22.24 8.34 -14.45
N PHE A 353 -22.85 8.95 -13.45
CA PHE A 353 -22.99 8.34 -12.14
C PHE A 353 -24.36 8.65 -11.59
N VAL A 354 -25.16 7.63 -11.34
CA VAL A 354 -26.40 7.81 -10.61
C VAL A 354 -26.16 7.46 -9.14
N THR A 355 -26.12 8.48 -8.29
CA THR A 355 -25.79 8.28 -6.89
C THR A 355 -26.84 8.87 -5.98
N HIS A 356 -26.77 8.50 -4.70
CA HIS A 356 -27.72 8.95 -3.71
C HIS A 356 -27.33 10.29 -3.08
N GLY A 357 -26.11 10.74 -3.36
CA GLY A 357 -25.68 12.02 -2.85
C GLY A 357 -24.73 11.93 -1.67
N GLY A 358 -24.37 10.69 -1.30
CA GLY A 358 -23.36 10.47 -0.28
C GLY A 358 -22.10 11.23 -0.62
N TRP A 359 -21.49 11.84 0.40
CA TRP A 359 -20.41 12.78 0.12
C TRP A 359 -19.17 12.11 -0.45
N ASN A 360 -18.77 10.98 0.14
CA ASN A 360 -17.58 10.27 -0.32
C ASN A 360 -17.67 9.93 -1.80
N SER A 361 -18.82 9.42 -2.22
CA SER A 361 -19.06 9.11 -3.63
C SER A 361 -18.94 10.36 -4.50
N SER A 362 -19.66 11.41 -4.11
CA SER A 362 -19.63 12.67 -4.85
C SER A 362 -18.21 13.20 -5.02
N MET A 363 -17.42 13.07 -3.97
CA MET A 363 -16.04 13.54 -3.98
C MET A 363 -15.15 12.67 -4.85
N GLU A 364 -15.48 11.40 -4.95
CA GLU A 364 -14.73 10.50 -5.82
C GLU A 364 -15.05 10.82 -7.27
N ALA A 365 -16.29 11.22 -7.53
CA ALA A 365 -16.72 11.60 -8.87
C ALA A 365 -16.14 12.95 -9.27
N VAL A 366 -16.02 13.86 -8.31
CA VAL A 366 -15.30 15.12 -8.53
C VAL A 366 -13.85 14.82 -8.89
N TRP A 367 -13.25 13.90 -8.17
CA TRP A 367 -11.84 13.56 -8.34
C TRP A 367 -11.56 12.94 -9.70
N HIS A 368 -12.49 12.14 -10.21
CA HIS A 368 -12.31 11.48 -11.49
C HIS A 368 -13.06 12.20 -12.61
N GLY A 369 -13.75 13.27 -12.26
CA GLY A 369 -14.46 14.07 -13.24
C GLY A 369 -15.57 13.33 -13.93
N VAL A 370 -16.51 12.81 -13.15
CA VAL A 370 -17.65 12.11 -13.70
C VAL A 370 -18.95 12.84 -13.36
N PRO A 371 -19.74 13.20 -14.38
CA PRO A 371 -21.05 13.82 -14.17
C PRO A 371 -21.94 12.98 -13.27
N MET A 372 -22.85 13.62 -12.55
CA MET A 372 -23.67 12.92 -11.57
C MET A 372 -25.16 13.23 -11.71
N LEU A 373 -25.99 12.22 -11.52
CA LEU A 373 -27.42 12.40 -11.34
C LEU A 373 -27.72 12.06 -9.89
N VAL A 374 -27.92 13.09 -9.07
CA VAL A 374 -28.13 12.87 -7.64
C VAL A 374 -29.60 12.58 -7.33
N TRP A 375 -29.83 11.47 -6.66
CA TRP A 375 -31.18 11.04 -6.30
C TRP A 375 -31.25 10.78 -4.79
N PRO A 376 -31.41 11.86 -4.00
CA PRO A 376 -31.42 11.79 -2.54
C PRO A 376 -32.40 10.75 -1.99
N GLN A 377 -31.96 9.99 -1.00
CA GLN A 377 -32.80 8.97 -0.38
C GLN A 377 -33.15 9.33 1.07
N PHE A 378 -32.19 9.88 1.80
CA PHE A 378 -32.37 10.25 3.19
C PHE A 378 -31.23 11.14 3.67
N GLY A 379 -31.26 11.55 4.94
CA GLY A 379 -30.16 12.27 5.57
C GLY A 379 -29.68 13.54 4.89
N ASP A 380 -28.36 13.70 4.85
CA ASP A 380 -27.74 14.93 4.37
C ASP A 380 -27.64 14.96 2.85
N GLN A 381 -28.34 14.05 2.19
CA GLN A 381 -28.17 13.86 0.76
C GLN A 381 -28.87 14.95 -0.07
N LYS A 382 -29.91 15.54 0.49
CA LYS A 382 -30.58 16.65 -0.19
C LYS A 382 -29.73 17.92 -0.07
N ILE A 383 -29.16 18.15 1.11
CA ILE A 383 -28.26 19.27 1.31
C ILE A 383 -27.06 19.11 0.38
N ASN A 384 -26.54 17.89 0.30
CA ASN A 384 -25.43 17.58 -0.58
C ASN A 384 -25.81 17.76 -2.06
N ALA A 385 -27.01 17.32 -2.41
CA ALA A 385 -27.49 17.42 -3.78
C ALA A 385 -27.39 18.84 -4.30
N GLU A 386 -27.75 19.80 -3.46
CA GLU A 386 -27.72 21.21 -3.83
C GLU A 386 -26.30 21.72 -4.01
N VAL A 387 -25.39 21.25 -3.15
CA VAL A 387 -23.98 21.65 -3.26
C VAL A 387 -23.38 21.16 -4.56
N ILE A 388 -23.70 19.92 -4.94
CA ILE A 388 -23.23 19.35 -6.18
C ILE A 388 -23.77 20.14 -7.37
N GLU A 389 -25.05 20.50 -7.30
CA GLU A 389 -25.69 21.22 -8.39
C GLU A 389 -25.06 22.60 -8.59
N ARG A 390 -24.74 23.27 -7.49
CA ARG A 390 -24.18 24.61 -7.55
C ARG A 390 -22.73 24.59 -8.01
N SER A 391 -22.14 23.40 -8.05
CA SER A 391 -20.78 23.25 -8.54
C SER A 391 -20.82 23.02 -10.05
N GLY A 392 -22.02 22.76 -10.56
CA GLY A 392 -22.21 22.54 -11.98
C GLY A 392 -21.79 21.17 -12.44
N LEU A 393 -21.51 20.28 -11.49
CA LEU A 393 -21.03 18.93 -11.80
C LEU A 393 -22.18 17.94 -11.94
N GLY A 394 -23.26 18.18 -11.22
CA GLY A 394 -24.37 17.24 -11.24
C GLY A 394 -25.73 17.87 -11.46
N MET A 395 -26.70 17.04 -11.80
CA MET A 395 -28.09 17.47 -11.89
C MET A 395 -28.90 16.76 -10.80
N TRP A 396 -29.88 17.47 -10.27
CA TRP A 396 -30.68 16.97 -9.16
C TRP A 396 -32.16 17.14 -9.47
N VAL A 397 -32.84 16.02 -9.67
CA VAL A 397 -34.27 16.03 -9.97
C VAL A 397 -35.07 16.27 -8.68
N LYS A 398 -35.54 17.49 -8.50
CA LYS A 398 -36.23 17.85 -7.27
C LYS A 398 -37.64 17.28 -7.26
N ARG A 399 -38.17 16.96 -8.43
CA ARG A 399 -39.53 16.46 -8.54
C ARG A 399 -39.68 15.06 -7.94
N TRP A 400 -38.58 14.32 -7.86
CA TRP A 400 -38.60 12.96 -7.33
C TRP A 400 -38.69 12.92 -5.80
N GLY A 401 -38.50 14.07 -5.15
CA GLY A 401 -38.58 14.15 -3.70
C GLY A 401 -37.55 13.27 -2.99
N TRP A 402 -37.84 12.86 -1.76
CA TRP A 402 -37.02 11.87 -1.08
C TRP A 402 -37.28 10.50 -1.70
N GLY A 403 -36.22 9.69 -1.82
CA GLY A 403 -36.35 8.38 -2.41
C GLY A 403 -37.09 7.40 -1.51
N THR A 404 -36.91 7.58 -0.21
CA THR A 404 -37.50 6.67 0.76
C THR A 404 -38.98 6.91 0.99
N GLN A 405 -39.51 8.02 0.47
CA GLN A 405 -40.93 8.31 0.69
C GLN A 405 -41.71 8.56 -0.59
N GLN A 406 -41.05 8.48 -1.73
CA GLN A 406 -41.74 8.59 -3.02
C GLN A 406 -41.22 7.61 -4.06
N LEU A 407 -42.15 6.96 -4.76
CA LEU A 407 -41.80 6.00 -5.80
C LEU A 407 -41.61 6.68 -7.15
N VAL A 408 -40.50 6.38 -7.81
CA VAL A 408 -40.24 6.85 -9.15
C VAL A 408 -40.39 5.68 -10.12
N LYS A 409 -41.28 5.82 -11.11
CA LYS A 409 -41.54 4.74 -12.05
C LYS A 409 -40.48 4.69 -13.15
N GLY A 410 -40.43 3.54 -13.84
CA GLY A 410 -39.40 3.27 -14.82
C GLY A 410 -39.25 4.30 -15.94
N GLU A 411 -40.35 4.64 -16.59
CA GLU A 411 -40.35 5.52 -17.76
C GLU A 411 -39.61 6.82 -17.49
N GLU A 412 -39.89 7.41 -16.33
CA GLU A 412 -39.28 8.65 -15.90
C GLU A 412 -37.77 8.52 -15.68
N ILE A 413 -37.36 7.43 -15.07
CA ILE A 413 -35.95 7.17 -14.80
C ILE A 413 -35.16 7.08 -16.09
N GLY A 414 -35.75 6.44 -17.10
CA GLY A 414 -35.09 6.28 -18.39
C GLY A 414 -34.80 7.61 -19.05
N GLU A 415 -35.77 8.52 -18.96
CA GLU A 415 -35.65 9.81 -19.61
C GLU A 415 -34.62 10.70 -18.92
N ARG A 416 -34.54 10.61 -17.59
CA ARG A 416 -33.59 11.43 -16.86
C ARG A 416 -32.16 10.95 -17.04
N ILE A 417 -31.99 9.64 -17.25
CA ILE A 417 -30.67 9.07 -17.49
C ILE A 417 -30.19 9.44 -18.88
N LYS A 418 -31.11 9.48 -19.84
CA LYS A 418 -30.81 9.97 -21.19
C LYS A 418 -30.30 11.40 -21.14
N ASP A 419 -30.93 12.24 -20.32
CA ASP A 419 -30.54 13.63 -20.18
C ASP A 419 -29.14 13.74 -19.59
N LEU A 420 -28.79 12.79 -18.73
CA LEU A 420 -27.49 12.79 -18.06
C LEU A 420 -26.36 12.41 -19.01
N MET A 421 -26.66 11.50 -19.93
CA MET A 421 -25.67 11.00 -20.88
C MET A 421 -25.42 11.95 -22.05
N GLY A 422 -26.19 13.03 -22.11
CA GLY A 422 -26.06 14.01 -23.18
C GLY A 422 -26.03 15.43 -22.68
N ASN A 423 -25.68 15.60 -21.40
CA ASN A 423 -25.62 16.91 -20.78
C ASN A 423 -24.23 17.51 -20.83
N ASN A 424 -23.90 18.17 -21.95
CA ASN A 424 -22.55 18.63 -22.20
C ASN A 424 -22.00 19.66 -21.20
N PRO A 425 -22.85 20.58 -20.69
CA PRO A 425 -22.33 21.45 -19.64
C PRO A 425 -21.77 20.70 -18.42
N LEU A 426 -22.35 19.55 -18.10
CA LEU A 426 -21.85 18.76 -16.98
C LEU A 426 -20.47 18.17 -17.27
N ARG A 427 -20.32 17.60 -18.46
CA ARG A 427 -19.05 17.04 -18.90
C ARG A 427 -17.93 18.06 -18.84
N VAL A 428 -18.18 19.22 -19.43
CA VAL A 428 -17.19 20.29 -19.50
C VAL A 428 -16.77 20.75 -18.10
N ARG A 429 -17.74 20.95 -17.22
CA ARG A 429 -17.44 21.41 -15.87
C ARG A 429 -16.68 20.36 -15.09
N ALA A 430 -16.96 19.10 -15.40
CA ALA A 430 -16.27 17.98 -14.75
C ALA A 430 -14.76 18.07 -14.99
N LYS A 431 -14.38 18.26 -16.25
CA LYS A 431 -12.98 18.32 -16.64
C LYS A 431 -12.29 19.47 -15.90
N THR A 432 -12.96 20.61 -15.84
CA THR A 432 -12.45 21.79 -15.14
C THR A 432 -12.31 21.54 -13.64
N LEU A 433 -13.39 21.06 -13.03
CA LEU A 433 -13.43 20.82 -11.60
C LEU A 433 -12.44 19.73 -11.19
N ARG A 434 -12.17 18.82 -12.11
CA ARG A 434 -11.20 17.76 -11.87
C ARG A 434 -9.80 18.35 -11.74
N GLU A 435 -9.44 19.21 -12.68
CA GLU A 435 -8.11 19.82 -12.68
C GLU A 435 -7.94 20.76 -11.50
N GLU A 436 -9.03 21.39 -11.06
CA GLU A 436 -9.01 22.24 -9.88
C GLU A 436 -8.82 21.39 -8.62
N ALA A 437 -9.20 20.12 -8.71
CA ALA A 437 -9.06 19.21 -7.58
C ALA A 437 -7.61 18.76 -7.41
N ARG A 438 -6.97 18.39 -8.51
CA ARG A 438 -5.56 17.99 -8.46
C ARG A 438 -4.69 19.12 -7.95
N LYS A 439 -4.98 20.33 -8.41
CA LYS A 439 -4.16 21.48 -8.05
C LYS A 439 -4.15 21.73 -6.54
N ALA A 440 -5.24 21.36 -5.87
CA ALA A 440 -5.39 21.64 -4.44
C ALA A 440 -4.51 20.75 -3.57
N ILE A 441 -4.17 19.57 -4.07
CA ILE A 441 -3.36 18.62 -3.31
C ILE A 441 -1.89 18.65 -3.72
N GLU A 442 -1.61 19.22 -4.89
CA GLU A 442 -0.24 19.45 -5.32
C GLU A 442 0.41 20.48 -4.40
N VAL A 443 1.74 20.55 -4.43
CA VAL A 443 2.46 21.50 -3.58
C VAL A 443 2.05 22.92 -3.97
N GLY A 444 1.65 23.70 -2.97
CA GLY A 444 1.17 25.04 -3.22
C GLY A 444 -0.34 25.05 -3.39
N GLY A 445 -0.93 23.85 -3.36
CA GLY A 445 -2.37 23.72 -3.45
C GLY A 445 -3.07 24.16 -2.19
N SER A 446 -4.30 24.65 -2.34
CA SER A 446 -5.05 25.19 -1.20
C SER A 446 -5.21 24.18 -0.07
N SER A 447 -5.60 22.97 -0.43
CA SER A 447 -5.78 21.92 0.56
C SER A 447 -4.46 21.50 1.19
N GLU A 448 -3.46 21.26 0.35
CA GLU A 448 -2.15 20.82 0.83
C GLU A 448 -1.56 21.88 1.74
N LYS A 449 -1.90 23.13 1.48
CA LYS A 449 -1.40 24.23 2.27
C LYS A 449 -1.98 24.21 3.68
N THR A 450 -3.27 23.91 3.81
CA THR A 450 -3.90 23.89 5.13
C THR A 450 -3.37 22.74 5.96
N LEU A 451 -3.15 21.59 5.32
CA LEU A 451 -2.64 20.44 6.02
C LEU A 451 -1.21 20.70 6.50
N LYS A 452 -0.51 21.56 5.76
CA LYS A 452 0.87 21.89 6.10
C LYS A 452 0.97 22.69 7.39
N GLU A 453 0.02 23.61 7.60
CA GLU A 453 0.03 24.42 8.82
C GLU A 453 -0.51 23.64 10.00
N LEU A 454 -1.33 22.64 9.70
CA LEU A 454 -1.85 21.75 10.73
C LEU A 454 -0.71 21.00 11.42
N ILE A 455 0.10 20.32 10.62
CA ILE A 455 1.19 19.52 11.13
C ILE A 455 2.26 20.40 11.80
N GLU A 456 2.45 21.61 11.28
CA GLU A 456 3.46 22.51 11.84
C GLU A 456 3.06 23.08 13.18
N ASN A 457 1.80 22.88 13.59
CA ASN A 457 1.35 23.32 14.90
C ASN A 457 1.36 22.18 15.92
N TRP A 458 2.23 21.18 15.70
CA TRP A 458 2.08 19.93 16.44
C TRP A 458 3.25 19.24 17.19
N LYS A 459 4.54 19.65 17.20
CA LYS A 459 5.21 20.80 16.58
C LYS A 459 4.70 22.16 17.07
N SER B 4 9.76 11.62 17.60
CA SER B 4 11.07 11.68 16.99
C SER B 4 11.21 10.74 15.80
N CYS B 5 11.84 11.22 14.73
CA CYS B 5 12.04 10.41 13.54
C CYS B 5 13.47 10.46 13.04
N PRO B 6 14.20 9.35 13.17
CA PRO B 6 15.56 9.24 12.64
C PRO B 6 15.57 9.35 11.12
N HIS B 7 16.39 10.25 10.58
CA HIS B 7 16.50 10.44 9.14
C HIS B 7 17.66 9.62 8.57
N VAL B 8 17.33 8.66 7.71
CA VAL B 8 18.32 7.74 7.17
C VAL B 8 18.51 7.92 5.67
N ALA B 9 19.77 7.95 5.23
CA ALA B 9 20.08 8.10 3.81
C ALA B 9 20.63 6.80 3.21
N LEU B 10 20.04 6.36 2.10
CA LEU B 10 20.45 5.15 1.41
C LEU B 10 21.26 5.50 0.16
N LEU B 11 22.48 4.98 0.07
CA LEU B 11 23.31 5.22 -1.11
C LEU B 11 23.23 4.05 -2.08
N LEU B 12 22.67 4.30 -3.25
CA LEU B 12 22.47 3.26 -4.26
C LEU B 12 23.60 3.20 -5.27
N SER B 13 23.91 1.98 -5.71
CA SER B 13 24.84 1.76 -6.81
C SER B 13 24.08 1.12 -7.97
N SER B 14 24.77 0.86 -9.07
CA SER B 14 24.13 0.20 -10.20
C SER B 14 23.97 -1.29 -9.94
N GLY B 15 23.19 -1.95 -10.78
CA GLY B 15 22.96 -3.37 -10.64
C GLY B 15 21.58 -3.66 -10.09
N MET B 16 20.87 -4.57 -10.75
CA MET B 16 19.52 -4.93 -10.32
C MET B 16 19.57 -5.83 -9.10
N GLY B 17 20.65 -6.60 -9.00
CA GLY B 17 20.85 -7.49 -7.88
C GLY B 17 21.07 -6.75 -6.57
N HIS B 18 21.72 -5.58 -6.66
CA HIS B 18 21.99 -4.77 -5.48
C HIS B 18 20.83 -3.82 -5.19
N LEU B 19 20.12 -3.44 -6.24
CA LEU B 19 19.04 -2.46 -6.12
C LEU B 19 17.86 -2.98 -5.32
N THR B 20 17.43 -4.19 -5.65
CA THR B 20 16.25 -4.79 -5.02
C THR B 20 16.34 -4.83 -3.49
N PRO B 21 17.42 -5.37 -2.91
CA PRO B 21 17.45 -5.36 -1.44
C PRO B 21 17.54 -3.95 -0.87
N CYS B 22 18.20 -3.04 -1.59
CA CYS B 22 18.29 -1.65 -1.18
C CYS B 22 16.91 -1.01 -1.10
N LEU B 23 16.10 -1.19 -2.14
CA LEU B 23 14.76 -0.61 -2.17
C LEU B 23 13.85 -1.21 -1.13
N ARG B 24 14.06 -2.50 -0.82
CA ARG B 24 13.22 -3.19 0.14
C ARG B 24 13.56 -2.77 1.56
N PHE B 25 14.85 -2.57 1.82
CA PHE B 25 15.28 -2.12 3.14
C PHE B 25 14.79 -0.70 3.40
N ALA B 26 14.74 0.10 2.33
CA ALA B 26 14.23 1.46 2.41
C ALA B 26 12.78 1.46 2.86
N ALA B 27 11.99 0.57 2.30
CA ALA B 27 10.59 0.43 2.67
C ALA B 27 10.45 -0.06 4.11
N THR B 28 11.31 -0.99 4.51
CA THR B 28 11.29 -1.55 5.86
C THR B 28 11.52 -0.47 6.90
N LEU B 29 12.47 0.43 6.62
CA LEU B 29 12.76 1.54 7.52
C LEU B 29 11.55 2.47 7.67
N VAL B 30 10.93 2.81 6.55
CA VAL B 30 9.73 3.65 6.57
C VAL B 30 8.64 3.01 7.42
N GLN B 31 8.45 1.70 7.23
CA GLN B 31 7.43 0.95 7.97
C GLN B 31 7.82 0.77 9.43
N HIS B 32 9.03 1.18 9.78
CA HIS B 32 9.47 1.18 11.17
C HIS B 32 9.74 2.60 11.66
N HIS B 33 8.96 3.54 11.14
CA HIS B 33 8.95 4.93 11.61
C HIS B 33 10.30 5.62 11.49
N CYS B 34 10.82 5.65 10.27
CA CYS B 34 12.01 6.42 9.94
C CYS B 34 11.74 7.27 8.72
N ARG B 35 12.40 8.41 8.63
CA ARG B 35 12.37 9.21 7.42
C ARG B 35 13.53 8.73 6.56
N VAL B 36 13.27 8.45 5.28
CA VAL B 36 14.28 7.89 4.41
C VAL B 36 14.52 8.77 3.19
N THR B 37 15.79 8.89 2.80
CA THR B 37 16.16 9.59 1.58
C THR B 37 17.10 8.71 0.78
N ILE B 38 16.85 8.56 -0.52
CA ILE B 38 17.72 7.74 -1.34
C ILE B 38 18.54 8.60 -2.31
N ILE B 39 19.76 8.16 -2.58
CA ILE B 39 20.66 8.87 -3.49
C ILE B 39 20.79 8.09 -4.80
N THR B 40 20.16 8.60 -5.84
CA THR B 40 20.14 7.91 -7.13
C THR B 40 21.09 8.56 -8.13
N ASN B 41 21.60 7.75 -9.06
CA ASN B 41 22.35 8.28 -10.19
C ASN B 41 21.67 7.89 -11.49
N TYR B 42 21.50 8.87 -12.37
CA TYR B 42 20.90 8.62 -13.68
C TYR B 42 21.89 9.01 -14.78
N PRO B 43 21.76 8.41 -15.98
CA PRO B 43 20.78 7.38 -16.35
C PRO B 43 21.18 6.00 -15.86
N THR B 44 20.23 5.27 -15.29
CA THR B 44 20.46 3.91 -14.83
C THR B 44 20.86 3.02 -16.01
N VAL B 45 21.65 1.99 -15.73
CA VAL B 45 22.16 1.10 -16.76
C VAL B 45 21.03 0.36 -17.48
N SER B 46 20.01 -0.04 -16.73
CA SER B 46 18.86 -0.75 -17.30
C SER B 46 17.54 -0.05 -16.98
N VAL B 47 16.50 -0.37 -17.73
CA VAL B 47 15.16 0.17 -17.47
C VAL B 47 14.56 -0.46 -16.21
N ALA B 48 15.04 -1.64 -15.87
CA ALA B 48 14.58 -2.35 -14.68
C ALA B 48 14.86 -1.55 -13.42
N GLU B 49 16.01 -0.90 -13.37
CA GLU B 49 16.37 -0.04 -12.25
C GLU B 49 15.48 1.20 -12.21
N SER B 50 15.38 1.90 -13.33
CA SER B 50 14.57 3.09 -13.45
C SER B 50 13.11 2.81 -13.08
N ARG B 51 12.55 1.76 -13.66
CA ARG B 51 11.18 1.37 -13.38
C ARG B 51 11.00 1.11 -11.89
N ALA B 52 11.95 0.39 -11.29
CA ALA B 52 11.87 0.04 -9.87
C ALA B 52 11.87 1.28 -8.98
N ILE B 53 12.85 2.16 -9.18
CA ILE B 53 12.98 3.35 -8.35
C ILE B 53 11.77 4.26 -8.51
N SER B 54 11.25 4.37 -9.73
CA SER B 54 10.06 5.17 -10.00
C SER B 54 8.83 4.59 -9.33
N LEU B 55 8.70 3.27 -9.35
CA LEU B 55 7.57 2.62 -8.70
C LEU B 55 7.72 2.71 -7.18
N LEU B 56 8.95 2.72 -6.69
CA LEU B 56 9.18 2.90 -5.26
C LEU B 56 8.79 4.30 -4.80
N LEU B 57 9.26 5.30 -5.53
CA LEU B 57 8.93 6.69 -5.22
C LEU B 57 7.45 6.99 -5.45
N SER B 58 6.80 6.12 -6.24
CA SER B 58 5.38 6.26 -6.52
C SER B 58 4.52 5.78 -5.34
N ASP B 59 4.97 4.73 -4.68
CA ASP B 59 4.20 4.10 -3.61
C ASP B 59 4.62 4.60 -2.23
N PHE B 60 5.78 5.23 -2.15
CA PHE B 60 6.23 5.84 -0.90
C PHE B 60 6.56 7.33 -1.10
N PRO B 61 5.52 8.17 -1.23
CA PRO B 61 5.69 9.62 -1.45
C PRO B 61 6.55 10.26 -0.37
N GLN B 62 6.54 9.69 0.83
CA GLN B 62 7.30 10.22 1.95
C GLN B 62 8.81 10.02 1.77
N ILE B 63 9.19 9.14 0.84
CA ILE B 63 10.60 8.95 0.53
C ILE B 63 11.04 9.99 -0.48
N THR B 64 12.01 10.81 -0.07
CA THR B 64 12.55 11.86 -0.93
C THR B 64 13.74 11.35 -1.74
N GLU B 65 13.90 11.87 -2.96
CA GLU B 65 14.99 11.48 -3.83
C GLU B 65 15.89 12.67 -4.17
N LYS B 66 17.15 12.61 -3.75
CA LYS B 66 18.13 13.61 -4.16
C LYS B 66 19.17 12.95 -5.06
N GLN B 67 19.27 13.43 -6.30
CA GLN B 67 20.11 12.79 -7.31
C GLN B 67 21.60 13.06 -7.11
N PHE B 68 22.41 12.04 -7.39
CA PHE B 68 23.86 12.16 -7.35
C PHE B 68 24.42 12.41 -8.75
N HIS B 69 25.03 13.57 -8.95
CA HIS B 69 25.69 13.87 -10.21
C HIS B 69 27.18 13.56 -10.09
N LEU B 70 27.72 12.86 -11.08
CA LEU B 70 29.08 12.33 -11.00
C LEU B 70 30.04 12.98 -12.00
N LEU B 71 31.34 12.80 -11.74
CA LEU B 71 32.38 13.26 -12.66
C LEU B 71 32.36 12.43 -13.93
N PRO B 72 32.71 13.06 -15.07
CA PRO B 72 32.84 12.31 -16.33
C PRO B 72 33.85 11.18 -16.19
N PHE B 73 33.46 9.98 -16.57
CA PHE B 73 34.31 8.81 -16.38
C PHE B 73 34.87 8.28 -17.69
N ASP B 74 36.17 8.05 -17.72
CA ASP B 74 36.82 7.50 -18.90
C ASP B 74 36.86 5.97 -18.81
N PRO B 75 36.03 5.29 -19.62
CA PRO B 75 35.92 3.83 -19.59
C PRO B 75 37.17 3.12 -20.08
N SER B 76 38.15 3.90 -20.55
CA SER B 76 39.40 3.34 -21.03
C SER B 76 40.28 2.84 -19.89
N THR B 77 40.20 3.50 -18.74
CA THR B 77 40.98 3.13 -17.57
C THR B 77 40.41 1.90 -16.86
N ALA B 78 39.42 1.26 -17.47
CA ALA B 78 38.76 0.11 -16.87
C ALA B 78 39.60 -1.16 -17.00
N ASN B 79 39.46 -2.05 -16.03
CA ASN B 79 40.06 -3.37 -16.11
C ASN B 79 39.00 -4.41 -16.42
N THR B 80 37.87 -3.94 -16.96
CA THR B 80 36.75 -4.80 -17.36
C THR B 80 35.80 -4.05 -18.30
N THR B 81 34.88 -4.78 -18.92
CA THR B 81 33.93 -4.18 -19.85
C THR B 81 32.49 -4.32 -19.36
N ASP B 82 32.31 -4.81 -18.14
CA ASP B 82 30.99 -4.99 -17.56
C ASP B 82 30.34 -3.64 -17.28
N PRO B 83 29.09 -3.44 -17.74
CA PRO B 83 28.38 -2.17 -17.60
C PRO B 83 28.09 -1.83 -16.14
N PHE B 84 27.70 -2.83 -15.35
CA PHE B 84 27.36 -2.63 -13.95
C PHE B 84 28.59 -2.30 -13.09
N PHE B 85 29.67 -3.05 -13.28
CA PHE B 85 30.89 -2.81 -12.52
C PHE B 85 31.54 -1.48 -12.93
N LEU B 86 31.39 -1.12 -14.20
CA LEU B 86 31.92 0.13 -14.72
C LEU B 86 31.25 1.33 -14.08
N ARG B 87 29.93 1.23 -13.89
CA ARG B 87 29.18 2.29 -13.24
C ARG B 87 29.67 2.50 -11.81
N TRP B 88 29.98 1.41 -11.12
CA TRP B 88 30.48 1.47 -9.76
C TRP B 88 31.74 2.31 -9.68
N GLU B 89 32.69 2.03 -10.57
CA GLU B 89 33.93 2.79 -10.61
C GLU B 89 33.65 4.25 -10.93
N ALA B 90 32.69 4.49 -11.81
CA ALA B 90 32.27 5.85 -12.15
C ALA B 90 31.74 6.57 -10.91
N ILE B 91 30.97 5.86 -10.10
CA ILE B 91 30.41 6.44 -8.87
C ILE B 91 31.50 6.63 -7.81
N ARG B 92 32.35 5.63 -7.64
CA ARG B 92 33.38 5.64 -6.58
C ARG B 92 34.38 6.78 -6.74
N ARG B 93 34.78 7.06 -7.97
CA ARG B 93 35.82 8.06 -8.21
C ARG B 93 35.30 9.47 -7.97
N SER B 94 33.98 9.62 -7.98
CA SER B 94 33.37 10.91 -7.67
C SER B 94 32.78 10.91 -6.26
N ALA B 95 33.44 10.21 -5.34
CA ALA B 95 32.92 10.04 -3.99
C ALA B 95 32.90 11.35 -3.19
N HIS B 96 33.92 12.18 -3.38
CA HIS B 96 34.03 13.44 -2.65
C HIS B 96 32.90 14.40 -2.99
N LEU B 97 32.21 14.12 -4.10
CA LEU B 97 31.05 14.92 -4.52
C LEU B 97 29.83 14.70 -3.61
N LEU B 98 29.93 13.75 -2.70
CA LEU B 98 28.79 13.36 -1.88
C LEU B 98 28.68 14.20 -0.60
N ASN B 99 29.82 14.69 -0.10
CA ASN B 99 29.84 15.54 1.09
C ASN B 99 28.95 16.79 1.00
N PRO B 100 28.98 17.52 -0.14
CA PRO B 100 28.08 18.68 -0.19
C PRO B 100 26.60 18.29 -0.28
N LEU B 101 26.31 17.21 -1.00
CA LEU B 101 24.94 16.72 -1.15
C LEU B 101 24.38 16.22 0.18
N LEU B 102 25.20 15.53 0.96
CA LEU B 102 24.77 14.92 2.21
C LEU B 102 24.54 15.96 3.33
N SER B 103 25.33 17.02 3.31
CA SER B 103 25.23 18.08 4.33
C SER B 103 24.00 18.96 4.15
N SER B 104 23.52 19.06 2.91
CA SER B 104 22.38 19.92 2.59
C SER B 104 21.04 19.28 2.92
N ILE B 105 21.05 17.95 3.12
CA ILE B 105 19.84 17.20 3.38
C ILE B 105 19.18 17.63 4.69
N SER B 106 17.88 17.94 4.64
CA SER B 106 17.11 18.30 5.83
C SER B 106 15.85 17.45 5.94
N PRO B 107 15.46 17.04 7.16
CA PRO B 107 16.10 17.22 8.48
C PRO B 107 17.44 16.50 8.60
N PRO B 108 18.25 16.85 9.60
CA PRO B 108 19.58 16.25 9.81
C PRO B 108 19.59 14.73 9.79
N LEU B 109 20.53 14.16 9.02
CA LEU B 109 20.69 12.71 8.94
C LEU B 109 21.25 12.17 10.26
N SER B 110 20.89 10.94 10.59
CA SER B 110 21.41 10.31 11.80
C SER B 110 22.14 9.01 11.47
N ALA B 111 22.07 8.61 10.21
CA ALA B 111 22.76 7.40 9.74
C ALA B 111 22.82 7.34 8.22
N LEU B 112 23.90 6.75 7.70
CA LEU B 112 24.07 6.56 6.26
C LEU B 112 24.27 5.08 5.94
N VAL B 113 23.47 4.57 5.01
CA VAL B 113 23.56 3.17 4.62
C VAL B 113 24.13 3.03 3.21
N ILE B 114 25.23 2.29 3.10
CA ILE B 114 25.95 2.17 1.85
C ILE B 114 25.88 0.76 1.28
N ASP B 115 25.75 0.67 -0.05
CA ASP B 115 25.86 -0.60 -0.74
C ASP B 115 27.26 -1.16 -0.54
N ASP B 116 27.37 -2.49 -0.51
CA ASP B 116 28.65 -3.13 -0.22
C ASP B 116 29.70 -2.90 -1.32
N SER B 117 29.27 -2.42 -2.47
CA SER B 117 30.17 -2.18 -3.59
C SER B 117 30.83 -0.81 -3.52
N LEU B 118 30.41 0.01 -2.56
CA LEU B 118 30.89 1.39 -2.46
C LEU B 118 31.47 1.70 -1.09
N VAL B 119 31.70 0.66 -0.28
CA VAL B 119 32.05 0.83 1.12
C VAL B 119 33.37 1.57 1.36
N SER B 120 34.42 1.14 0.67
CA SER B 120 35.74 1.73 0.85
C SER B 120 35.79 3.22 0.50
N SER B 121 35.13 3.58 -0.60
CA SER B 121 35.14 4.96 -1.09
C SER B 121 34.25 5.90 -0.28
N PHE B 122 33.20 5.36 0.33
CA PHE B 122 32.18 6.20 0.95
C PHE B 122 32.11 6.13 2.48
N VAL B 123 32.83 5.19 3.08
CA VAL B 123 32.92 5.20 4.55
C VAL B 123 33.82 6.33 5.08
N PRO B 124 34.75 6.88 4.27
CA PRO B 124 35.39 8.08 4.85
C PRO B 124 34.48 9.30 4.80
N VAL B 125 33.60 9.39 3.79
CA VAL B 125 32.64 10.48 3.68
C VAL B 125 31.80 10.60 4.95
N ALA B 126 31.40 9.45 5.49
CA ALA B 126 30.58 9.42 6.69
C ALA B 126 31.33 9.99 7.89
N ALA B 127 32.60 9.61 8.02
CA ALA B 127 33.41 10.08 9.14
C ALA B 127 33.54 11.60 9.17
N ASN B 128 33.58 12.21 7.97
CA ASN B 128 33.61 13.66 7.85
C ASN B 128 32.43 14.33 8.51
N LEU B 129 31.28 13.65 8.47
CA LEU B 129 30.02 14.26 8.88
C LEU B 129 29.56 13.76 10.25
N ASP B 130 30.45 13.07 10.96
CA ASP B 130 30.13 12.48 12.26
C ASP B 130 28.93 11.55 12.20
N LEU B 131 28.79 10.84 11.08
CA LEU B 131 27.64 9.98 10.88
C LEU B 131 27.98 8.51 11.02
N PRO B 132 27.12 7.77 11.73
CA PRO B 132 27.24 6.31 11.74
C PRO B 132 27.01 5.76 10.34
N SER B 133 27.96 4.99 9.81
CA SER B 133 27.79 4.38 8.50
C SER B 133 27.46 2.90 8.62
N TYR B 134 26.58 2.41 7.75
CA TYR B 134 26.19 1.01 7.77
C TYR B 134 26.33 0.38 6.39
N VAL B 135 26.77 -0.87 6.37
CA VAL B 135 26.97 -1.57 5.10
C VAL B 135 25.82 -2.52 4.81
N LEU B 136 25.05 -2.23 3.77
CA LEU B 136 24.00 -3.14 3.35
C LEU B 136 24.61 -4.25 2.49
N PHE B 137 24.99 -5.35 3.14
CA PHE B 137 25.55 -6.47 2.40
C PHE B 137 24.45 -7.22 1.66
N THR B 138 24.71 -7.55 0.40
CA THR B 138 23.67 -8.10 -0.46
C THR B 138 23.69 -9.62 -0.57
N SER B 139 24.60 -10.27 0.15
CA SER B 139 24.69 -11.73 0.09
C SER B 139 24.57 -12.39 1.46
N SER B 140 25.01 -13.64 1.55
CA SER B 140 24.87 -14.40 2.79
C SER B 140 25.95 -14.03 3.80
N THR B 141 25.78 -14.51 5.03
CA THR B 141 26.71 -14.26 6.12
C THR B 141 28.06 -14.91 5.84
N ARG B 142 28.00 -16.13 5.31
CA ARG B 142 29.21 -16.91 4.99
C ARG B 142 30.02 -16.19 3.91
N ALA B 143 29.35 -15.72 2.87
CA ALA B 143 30.00 -14.98 1.81
C ALA B 143 30.55 -13.65 2.32
N CYS B 144 29.88 -13.09 3.33
CA CYS B 144 30.27 -11.81 3.90
C CYS B 144 31.57 -11.93 4.69
N SER B 145 31.76 -13.08 5.35
CA SER B 145 32.96 -13.31 6.14
C SER B 145 34.18 -13.55 5.26
N LEU B 146 33.93 -14.10 4.08
CA LEU B 146 35.01 -14.34 3.11
C LEU B 146 35.59 -13.02 2.63
N GLU B 147 34.71 -12.05 2.36
CA GLU B 147 35.12 -10.76 1.84
C GLU B 147 35.97 -9.97 2.83
N GLU B 148 35.70 -10.14 4.12
CA GLU B 148 36.41 -9.43 5.17
C GLU B 148 37.82 -9.97 5.42
N THR B 149 38.01 -11.27 5.19
CA THR B 149 39.25 -11.93 5.53
C THR B 149 40.11 -12.23 4.29
N PHE B 150 39.53 -12.01 3.11
CA PHE B 150 40.23 -12.21 1.85
C PHE B 150 41.45 -11.27 1.65
N PRO B 151 41.35 -9.99 2.06
CA PRO B 151 42.58 -9.17 1.97
C PRO B 151 43.74 -9.71 2.79
N ALA B 152 43.46 -10.20 3.99
CA ALA B 152 44.49 -10.76 4.85
C ALA B 152 45.05 -12.04 4.25
N PHE B 153 44.21 -12.77 3.52
CA PHE B 153 44.61 -14.04 2.93
C PHE B 153 45.60 -13.89 1.79
N VAL B 154 45.33 -12.92 0.91
CA VAL B 154 46.18 -12.71 -0.27
C VAL B 154 47.55 -12.17 0.13
N ALA B 155 47.66 -11.67 1.36
CA ALA B 155 48.95 -11.26 1.92
C ALA B 155 49.65 -12.44 2.58
N SER B 156 49.83 -13.51 1.81
CA SER B 156 50.47 -14.72 2.30
C SER B 156 51.19 -15.45 1.17
N LEU B 165 41.63 -24.71 -7.07
CA LEU B 165 42.70 -25.31 -6.28
C LEU B 165 42.16 -25.99 -5.04
N ASP B 166 42.78 -27.09 -4.65
CA ASP B 166 42.32 -27.87 -3.49
C ASP B 166 42.50 -27.14 -2.17
N ASP B 167 43.16 -25.98 -2.19
CA ASP B 167 43.40 -25.22 -0.97
C ASP B 167 42.11 -24.75 -0.31
N VAL B 168 42.22 -24.25 0.92
CA VAL B 168 41.07 -23.77 1.66
C VAL B 168 41.37 -22.47 2.39
N ILE B 169 40.36 -21.61 2.53
CA ILE B 169 40.51 -20.35 3.23
C ILE B 169 39.81 -20.38 4.58
N GLU B 170 40.49 -19.93 5.62
CA GLU B 170 39.92 -19.89 6.95
C GLU B 170 38.93 -18.75 7.09
N ILE B 171 37.69 -19.09 7.43
CA ILE B 171 36.65 -18.10 7.66
C ILE B 171 36.20 -18.12 9.12
N PRO B 172 36.35 -17.00 9.83
CA PRO B 172 35.92 -16.89 11.23
C PRO B 172 34.41 -17.04 11.39
N GLY B 173 33.99 -18.10 12.07
CA GLY B 173 32.58 -18.32 12.35
C GLY B 173 31.95 -19.44 11.54
N PHE B 174 32.59 -19.81 10.43
CA PHE B 174 32.03 -20.81 9.53
C PHE B 174 33.01 -21.93 9.19
N SER B 175 32.50 -22.94 8.49
CA SER B 175 33.36 -23.97 7.91
C SER B 175 34.25 -23.31 6.88
N PRO B 176 35.54 -23.69 6.84
CA PRO B 176 36.46 -23.13 5.88
C PRO B 176 35.98 -23.31 4.44
N VAL B 177 36.29 -22.35 3.58
CA VAL B 177 35.84 -22.38 2.20
C VAL B 177 36.93 -22.86 1.25
N PRO B 178 36.62 -23.85 0.40
CA PRO B 178 37.58 -24.28 -0.63
C PRO B 178 37.78 -23.18 -1.68
N VAL B 179 38.98 -23.08 -2.25
CA VAL B 179 39.24 -22.06 -3.27
C VAL B 179 38.39 -22.32 -4.52
N SER B 180 37.93 -23.57 -4.66
CA SER B 180 37.04 -23.94 -5.75
C SER B 180 35.69 -23.24 -5.64
N SER B 181 35.34 -22.83 -4.42
CA SER B 181 34.07 -22.13 -4.16
C SER B 181 34.23 -20.61 -4.25
N VAL B 182 35.47 -20.15 -4.15
CA VAL B 182 35.79 -18.73 -4.34
C VAL B 182 35.47 -18.29 -5.77
N PRO B 183 34.85 -17.11 -5.91
CA PRO B 183 34.49 -16.53 -7.22
C PRO B 183 35.66 -16.60 -8.21
N PRO B 184 35.36 -16.91 -9.48
CA PRO B 184 36.43 -17.21 -10.46
C PRO B 184 37.35 -16.02 -10.72
N THR B 185 36.82 -14.81 -10.61
CA THR B 185 37.58 -13.60 -10.90
C THR B 185 38.26 -13.03 -9.65
N PHE B 186 38.13 -13.73 -8.53
CA PHE B 186 38.86 -13.36 -7.31
C PHE B 186 40.32 -13.75 -7.44
N LEU B 187 40.57 -14.82 -8.18
CA LEU B 187 41.94 -15.27 -8.43
C LEU B 187 42.67 -14.35 -9.41
N ASN B 188 41.98 -13.32 -9.87
CA ASN B 188 42.45 -12.40 -10.90
C ASN B 188 42.58 -10.98 -10.34
N LEU B 189 43.80 -10.66 -9.90
CA LEU B 189 44.04 -9.42 -9.17
C LEU B 189 44.10 -8.20 -10.10
N ASN B 190 44.34 -8.45 -11.39
CA ASN B 190 44.28 -7.40 -12.40
C ASN B 190 42.90 -6.77 -12.57
N HIS B 191 41.86 -7.53 -12.22
CA HIS B 191 40.49 -7.14 -12.46
C HIS B 191 40.03 -6.01 -11.57
N LEU B 192 39.30 -5.06 -12.16
CA LEU B 192 38.79 -3.92 -11.41
C LEU B 192 37.83 -4.38 -10.32
N PHE B 193 37.16 -5.51 -10.55
CA PHE B 193 36.23 -6.08 -9.58
C PHE B 193 36.97 -6.52 -8.33
N THR B 194 38.02 -7.30 -8.54
CA THR B 194 38.80 -7.84 -7.44
C THR B 194 39.46 -6.73 -6.63
N THR B 195 39.94 -5.69 -7.31
CA THR B 195 40.56 -4.56 -6.63
C THR B 195 39.59 -3.89 -5.66
N MET B 196 38.34 -3.73 -6.08
CA MET B 196 37.30 -3.18 -5.22
C MET B 196 37.09 -4.08 -4.00
N LEU B 197 36.84 -5.36 -4.27
CA LEU B 197 36.55 -6.33 -3.20
C LEU B 197 37.70 -6.42 -2.20
N ILE B 198 38.93 -6.21 -2.68
CA ILE B 198 40.09 -6.17 -1.79
C ILE B 198 40.04 -4.91 -0.94
N GLN B 199 39.73 -3.79 -1.58
CA GLN B 199 39.70 -2.50 -0.91
C GLN B 199 38.48 -2.38 0.01
N ASN B 200 37.37 -2.97 -0.39
CA ASN B 200 36.15 -2.94 0.40
C ASN B 200 36.25 -3.78 1.67
N GLY B 201 36.75 -5.01 1.53
CA GLY B 201 36.84 -5.94 2.63
C GLY B 201 37.66 -5.42 3.79
N GLN B 202 38.74 -4.70 3.47
CA GLN B 202 39.60 -4.12 4.49
C GLN B 202 38.91 -2.94 5.15
N SER B 203 37.90 -2.39 4.47
CA SER B 203 37.26 -1.16 4.91
C SER B 203 35.97 -1.40 5.69
N PHE B 204 35.53 -2.66 5.71
CA PHE B 204 34.32 -3.03 6.46
C PHE B 204 34.47 -2.69 7.94
N ARG B 205 35.71 -2.79 8.43
CA ARG B 205 36.01 -2.54 9.84
C ARG B 205 35.72 -1.10 10.27
N LYS B 206 35.68 -0.18 9.32
CA LYS B 206 35.45 1.23 9.64
C LYS B 206 33.98 1.53 9.86
N ALA B 207 33.11 0.72 9.25
CA ALA B 207 31.67 0.91 9.34
C ALA B 207 31.11 0.55 10.72
N ASN B 208 29.95 1.11 11.05
CA ASN B 208 29.33 0.93 12.36
C ASN B 208 28.58 -0.39 12.49
N GLY B 209 28.24 -0.99 11.36
CA GLY B 209 27.52 -2.25 11.36
C GLY B 209 27.31 -2.81 9.97
N ILE B 210 27.19 -4.13 9.87
CA ILE B 210 26.92 -4.78 8.60
C ILE B 210 25.52 -5.39 8.58
N LEU B 211 24.65 -4.82 7.74
CA LEU B 211 23.29 -5.30 7.58
C LEU B 211 23.19 -6.44 6.57
N ILE B 212 22.82 -7.62 7.03
CA ILE B 212 22.71 -8.77 6.15
C ILE B 212 21.27 -9.28 6.03
N ASN B 213 20.82 -9.48 4.80
CA ASN B 213 19.47 -10.00 4.54
C ASN B 213 19.34 -11.43 5.03
N THR B 214 19.11 -11.59 6.33
CA THR B 214 19.04 -12.91 6.95
C THR B 214 18.49 -12.85 8.37
N PHE B 215 18.11 -14.01 8.91
CA PHE B 215 17.66 -14.11 10.29
C PHE B 215 18.48 -15.17 11.02
N GLU B 216 18.46 -15.09 12.35
CA GLU B 216 19.28 -15.96 13.19
C GLU B 216 19.07 -17.45 12.90
N ALA B 217 17.82 -17.91 12.94
CA ALA B 217 17.48 -19.33 12.82
C ALA B 217 18.01 -19.98 11.53
N LEU B 218 18.24 -19.17 10.49
CA LEU B 218 18.72 -19.67 9.21
C LEU B 218 20.21 -20.02 9.24
N GLU B 219 20.95 -19.31 10.09
CA GLU B 219 22.39 -19.50 10.23
C GLU B 219 22.74 -20.28 11.50
N GLY B 220 21.73 -20.83 12.17
CA GLY B 220 21.93 -21.40 13.49
C GLY B 220 22.13 -20.27 14.49
N GLY B 221 22.40 -20.63 15.74
CA GLY B 221 22.59 -19.64 16.77
C GLY B 221 24.01 -19.09 16.82
N ILE B 222 24.64 -19.00 15.67
CA ILE B 222 26.06 -18.65 15.60
C ILE B 222 26.29 -17.13 15.66
N LEU B 223 25.35 -16.36 15.16
CA LEU B 223 25.51 -14.90 15.09
C LEU B 223 25.75 -14.24 16.47
N PRO B 224 25.00 -14.64 17.51
CA PRO B 224 25.34 -14.04 18.80
C PRO B 224 26.76 -14.41 19.25
N GLY B 225 27.14 -15.66 19.04
CA GLY B 225 28.48 -16.13 19.37
C GLY B 225 29.56 -15.39 18.58
N ILE B 226 29.30 -15.16 17.29
CA ILE B 226 30.23 -14.43 16.45
C ILE B 226 30.41 -12.99 16.93
N ASN B 227 29.29 -12.31 17.14
CA ASN B 227 29.30 -10.91 17.56
C ASN B 227 30.02 -10.68 18.89
N ASP B 228 30.10 -11.71 19.73
CA ASP B 228 30.88 -11.64 20.96
C ASP B 228 32.35 -11.43 20.64
N LYS B 229 32.85 -12.28 19.75
CA LYS B 229 34.23 -12.21 19.31
C LYS B 229 34.49 -10.92 18.53
N ARG B 230 33.54 -10.55 17.67
CA ARG B 230 33.66 -9.34 16.86
C ARG B 230 33.74 -8.09 17.74
N ALA B 231 33.04 -8.12 18.87
CA ALA B 231 33.04 -6.99 19.79
C ALA B 231 34.36 -6.86 20.52
N ALA B 232 35.02 -7.99 20.76
CA ALA B 232 36.30 -8.00 21.45
C ALA B 232 37.40 -7.35 20.63
N ASP B 233 37.39 -7.60 19.32
CA ASP B 233 38.39 -7.05 18.41
C ASP B 233 38.07 -5.61 18.01
N GLY B 234 36.88 -5.15 18.39
CA GLY B 234 36.43 -3.83 18.02
C GLY B 234 35.81 -3.82 16.64
N LEU B 235 35.50 -5.00 16.12
CA LEU B 235 34.87 -5.15 14.81
C LEU B 235 33.38 -4.80 14.88
N PRO B 236 32.82 -4.28 13.77
CA PRO B 236 31.38 -3.97 13.68
C PRO B 236 30.52 -5.23 13.74
N PRO B 237 29.35 -5.14 14.40
CA PRO B 237 28.44 -6.27 14.59
C PRO B 237 27.69 -6.70 13.33
N TYR B 238 27.38 -8.00 13.23
CA TYR B 238 26.57 -8.52 12.15
C TYR B 238 25.08 -8.33 12.45
N CYS B 239 24.48 -7.32 11.83
CA CYS B 239 23.06 -7.03 12.05
C CYS B 239 22.17 -7.86 11.12
N SER B 240 21.42 -8.79 11.70
CA SER B 240 20.49 -9.62 10.93
C SER B 240 19.10 -9.00 10.95
N VAL B 241 18.58 -8.67 9.78
CA VAL B 241 17.29 -7.98 9.68
C VAL B 241 16.33 -8.65 8.70
N GLY B 242 16.76 -9.77 8.13
CA GLY B 242 15.99 -10.43 7.09
C GLY B 242 14.84 -11.29 7.62
N PRO B 243 14.00 -11.81 6.71
CA PRO B 243 14.08 -11.58 5.26
C PRO B 243 13.48 -10.24 4.85
N LEU B 244 13.98 -9.68 3.74
CA LEU B 244 13.45 -8.42 3.23
C LEU B 244 12.25 -8.68 2.32
N LEU B 245 11.05 -8.43 2.84
CA LEU B 245 9.82 -8.69 2.10
C LEU B 245 9.70 -7.78 0.90
N PRO B 246 9.12 -8.29 -0.20
CA PRO B 246 8.89 -7.50 -1.42
C PRO B 246 7.91 -6.35 -1.17
N CYS B 247 8.10 -5.22 -1.85
CA CYS B 247 7.26 -4.05 -1.62
C CYS B 247 5.87 -4.23 -2.22
N LYS B 248 4.97 -3.29 -1.95
CA LYS B 248 3.60 -3.37 -2.43
C LYS B 248 3.49 -3.14 -3.94
N PHE B 249 4.52 -2.54 -4.54
CA PHE B 249 4.53 -2.34 -5.98
C PHE B 249 4.99 -3.60 -6.72
N GLU B 250 5.42 -4.60 -5.95
CA GLU B 250 5.95 -5.84 -6.52
C GLU B 250 4.91 -6.96 -6.48
N LYS B 251 3.64 -6.60 -6.61
CA LYS B 251 2.57 -7.59 -6.64
C LYS B 251 1.38 -7.15 -7.52
N THR B 252 1.13 -7.90 -8.58
CA THR B 252 0.00 -7.66 -9.48
C THR B 252 -1.03 -8.78 -9.39
N GLU B 253 -2.30 -8.41 -9.25
CA GLU B 253 -3.36 -9.39 -9.05
C GLU B 253 -3.40 -10.48 -10.13
N CYS B 254 -3.04 -10.10 -11.34
CA CYS B 254 -2.94 -11.07 -12.44
C CYS B 254 -1.69 -10.86 -13.28
N SER B 255 -1.18 -11.96 -13.81
CA SER B 255 -0.07 -11.95 -14.76
C SER B 255 -0.29 -13.08 -15.75
N ALA B 256 0.25 -12.93 -16.96
CA ALA B 256 0.14 -13.98 -17.96
C ALA B 256 0.67 -15.34 -17.47
N PRO B 257 1.77 -15.35 -16.68
CA PRO B 257 2.15 -16.64 -16.06
C PRO B 257 1.17 -17.10 -14.98
N VAL B 258 0.84 -16.23 -14.04
CA VAL B 258 0.01 -16.59 -12.89
C VAL B 258 -1.30 -17.23 -13.33
N LYS B 259 -1.88 -16.72 -14.41
CA LYS B 259 -3.11 -17.29 -14.96
C LYS B 259 -2.89 -18.73 -15.44
N TRP B 260 -1.70 -19.03 -15.92
CA TRP B 260 -1.36 -20.39 -16.32
C TRP B 260 -1.19 -21.28 -15.09
N LEU B 261 -0.65 -20.70 -14.03
CA LEU B 261 -0.40 -21.44 -12.80
C LEU B 261 -1.68 -21.88 -12.09
N ASP B 262 -2.76 -21.15 -12.32
CA ASP B 262 -4.05 -21.45 -11.66
C ASP B 262 -4.81 -22.59 -12.35
N ASP B 263 -4.18 -23.19 -13.36
CA ASP B 263 -4.77 -24.33 -14.06
C ASP B 263 -3.95 -25.58 -13.85
N GLN B 264 -2.94 -25.47 -12.99
CA GLN B 264 -2.02 -26.57 -12.72
C GLN B 264 -2.27 -27.17 -11.34
N PRO B 265 -2.06 -28.49 -11.21
CA PRO B 265 -2.17 -29.18 -9.92
C PRO B 265 -1.21 -28.60 -8.88
N GLU B 266 -1.55 -28.74 -7.60
CA GLU B 266 -0.76 -28.14 -6.52
C GLU B 266 0.62 -28.76 -6.39
N GLY B 267 1.64 -27.90 -6.28
CA GLY B 267 3.01 -28.33 -6.09
C GLY B 267 3.64 -29.10 -7.24
N SER B 268 2.99 -29.11 -8.40
CA SER B 268 3.43 -29.93 -9.52
C SER B 268 4.24 -29.15 -10.56
N VAL B 269 4.57 -27.90 -10.26
CA VAL B 269 5.24 -27.05 -11.24
C VAL B 269 6.66 -26.68 -10.81
N VAL B 270 7.60 -26.86 -11.72
CA VAL B 270 8.99 -26.46 -11.53
C VAL B 270 9.23 -25.05 -12.03
N TYR B 271 9.76 -24.17 -11.18
CA TYR B 271 10.12 -22.83 -11.62
C TYR B 271 11.62 -22.76 -11.93
N VAL B 272 11.96 -22.29 -13.12
CA VAL B 272 13.36 -22.22 -13.57
C VAL B 272 13.77 -20.80 -13.92
N SER B 273 14.57 -20.18 -13.05
CA SER B 273 15.04 -18.81 -13.28
C SER B 273 16.51 -18.63 -12.89
N PHE B 274 17.22 -17.84 -13.69
CA PHE B 274 18.66 -17.65 -13.50
C PHE B 274 19.06 -16.18 -13.35
N GLY B 275 18.11 -15.36 -12.92
CA GLY B 275 18.41 -13.97 -12.61
C GLY B 275 18.44 -13.05 -13.81
N SER B 276 18.43 -11.75 -13.54
CA SER B 276 18.39 -10.73 -14.59
C SER B 276 19.72 -10.57 -15.30
N ARG B 277 20.80 -10.49 -14.53
CA ARG B 277 22.13 -10.22 -15.05
C ARG B 277 22.66 -11.32 -15.98
N PHE B 278 22.49 -12.57 -15.57
CA PHE B 278 23.07 -13.69 -16.29
C PHE B 278 22.18 -14.26 -17.39
N ALA B 279 22.81 -14.75 -18.45
CA ALA B 279 22.10 -15.41 -19.54
C ALA B 279 22.75 -16.74 -19.90
N LEU B 280 21.92 -17.79 -20.03
CA LEU B 280 22.42 -19.11 -20.40
C LEU B 280 22.94 -19.12 -21.83
N SER B 281 23.89 -20.01 -22.11
CA SER B 281 24.40 -20.17 -23.47
C SER B 281 23.33 -20.77 -24.36
N SER B 282 23.46 -20.52 -25.66
CA SER B 282 22.54 -21.10 -26.64
C SER B 282 22.57 -22.62 -26.59
N GLU B 283 23.76 -23.18 -26.37
CA GLU B 283 23.93 -24.63 -26.29
C GLU B 283 23.20 -25.23 -25.10
N GLN B 284 23.28 -24.56 -23.95
CA GLN B 284 22.67 -25.06 -22.72
C GLN B 284 21.15 -24.96 -22.76
N ILE B 285 20.64 -23.95 -23.47
CA ILE B 285 19.21 -23.75 -23.59
C ILE B 285 18.53 -24.96 -24.24
N LYS B 286 19.11 -25.46 -25.32
CA LYS B 286 18.61 -26.66 -25.97
C LYS B 286 18.70 -27.86 -25.02
N GLU B 287 19.80 -27.95 -24.29
CA GLU B 287 20.00 -29.04 -23.34
C GLU B 287 19.05 -28.93 -22.16
N LEU B 288 18.93 -27.73 -21.59
CA LEU B 288 18.01 -27.49 -20.49
C LEU B 288 16.57 -27.71 -20.94
N GLY B 289 16.28 -27.32 -22.17
CA GLY B 289 14.96 -27.50 -22.73
C GLY B 289 14.57 -28.97 -22.82
N ASP B 290 15.50 -29.79 -23.27
CA ASP B 290 15.23 -31.21 -23.45
C ASP B 290 15.16 -31.94 -22.12
N GLY B 291 15.85 -31.42 -21.11
CA GLY B 291 15.86 -32.03 -19.79
C GLY B 291 14.55 -31.82 -19.06
N LEU B 292 13.92 -30.68 -19.32
CA LEU B 292 12.63 -30.37 -18.74
C LEU B 292 11.56 -31.31 -19.28
N ILE B 293 11.56 -31.51 -20.60
CA ILE B 293 10.62 -32.44 -21.22
C ILE B 293 10.89 -33.86 -20.73
N ARG B 294 12.17 -34.20 -20.55
CA ARG B 294 12.54 -35.52 -20.05
C ARG B 294 12.13 -35.73 -18.60
N SER B 295 11.99 -34.64 -17.86
CA SER B 295 11.63 -34.73 -16.44
C SER B 295 10.18 -35.13 -16.26
N GLY B 296 9.36 -34.82 -17.26
CA GLY B 296 7.95 -35.17 -17.22
C GLY B 296 7.21 -34.41 -16.13
N CYS B 297 7.73 -33.22 -15.81
CA CYS B 297 7.10 -32.36 -14.80
C CYS B 297 6.61 -31.08 -15.46
N ARG B 298 5.51 -30.54 -14.94
CA ARG B 298 5.04 -29.24 -15.38
C ARG B 298 6.04 -28.19 -14.94
N PHE B 299 6.35 -27.23 -15.81
CA PHE B 299 7.38 -26.26 -15.50
C PHE B 299 7.09 -24.87 -16.05
N LEU B 300 7.54 -23.85 -15.31
CA LEU B 300 7.50 -22.46 -15.79
C LEU B 300 8.93 -22.00 -16.03
N TRP B 301 9.28 -21.80 -17.30
CA TRP B 301 10.66 -21.52 -17.70
C TRP B 301 10.87 -20.05 -18.08
N VAL B 302 11.89 -19.44 -17.48
CA VAL B 302 12.28 -18.08 -17.83
C VAL B 302 13.55 -18.09 -18.65
N VAL B 303 13.46 -17.61 -19.89
CA VAL B 303 14.60 -17.59 -20.81
C VAL B 303 15.19 -16.18 -20.92
N LYS B 304 16.47 -16.05 -20.62
CA LYS B 304 17.14 -14.76 -20.67
C LYS B 304 18.20 -14.73 -21.77
N CYS B 305 18.27 -13.60 -22.47
CA CYS B 305 19.28 -13.38 -23.51
C CYS B 305 19.71 -11.92 -23.56
N ARG B 322 13.64 -24.34 -33.77
CA ARG B 322 12.58 -24.22 -32.76
C ARG B 322 11.31 -24.96 -33.19
N ASP B 323 11.44 -26.25 -33.49
CA ASP B 323 10.30 -27.06 -33.91
C ASP B 323 9.58 -27.65 -32.70
N VAL B 324 10.34 -27.90 -31.65
CA VAL B 324 9.80 -28.41 -30.40
C VAL B 324 9.31 -27.25 -29.54
N LEU B 325 9.56 -26.03 -30.01
CA LEU B 325 9.17 -24.81 -29.31
C LEU B 325 7.68 -24.80 -28.99
N GLU B 326 6.88 -25.31 -29.93
CA GLU B 326 5.45 -25.47 -29.71
C GLU B 326 5.17 -26.73 -28.88
N LYS B 327 6.00 -27.76 -29.07
CA LYS B 327 5.83 -29.02 -28.35
C LYS B 327 6.32 -28.90 -26.91
N ILE B 328 7.14 -27.89 -26.65
CA ILE B 328 7.63 -27.62 -25.30
C ILE B 328 6.54 -26.94 -24.46
N LYS B 329 5.61 -26.27 -25.12
CA LYS B 329 4.52 -25.58 -24.44
C LYS B 329 3.41 -26.56 -24.04
N LYS B 330 3.56 -27.81 -24.45
CA LYS B 330 2.58 -28.83 -24.17
C LYS B 330 2.39 -29.06 -22.68
N TYR B 331 3.49 -29.30 -21.98
CA TYR B 331 3.45 -29.56 -20.55
C TYR B 331 4.15 -28.46 -19.74
N GLY B 332 4.37 -27.31 -20.38
CA GLY B 332 5.08 -26.22 -19.74
C GLY B 332 4.74 -24.84 -20.27
N PHE B 333 5.23 -23.82 -19.58
CA PHE B 333 5.00 -22.43 -19.94
C PHE B 333 6.33 -21.70 -20.03
N VAL B 334 6.56 -21.02 -21.15
CA VAL B 334 7.81 -20.30 -21.33
C VAL B 334 7.58 -18.79 -21.50
N ILE B 335 8.38 -18.00 -20.78
CA ILE B 335 8.30 -16.56 -20.88
C ILE B 335 9.72 -15.99 -20.96
N LYS B 336 9.92 -15.04 -21.87
CA LYS B 336 11.23 -14.44 -22.06
C LYS B 336 11.24 -12.97 -21.67
N ASN B 337 10.81 -12.69 -20.45
CA ASN B 337 10.72 -11.31 -19.97
C ASN B 337 10.77 -11.24 -18.44
N TRP B 338 10.93 -10.04 -17.93
CA TRP B 338 10.88 -9.77 -16.49
C TRP B 338 9.62 -10.36 -15.88
N VAL B 339 9.78 -11.17 -14.85
CA VAL B 339 8.65 -11.79 -14.19
C VAL B 339 8.61 -11.43 -12.71
N ASN B 340 7.43 -11.54 -12.11
CA ASN B 340 7.30 -11.35 -10.68
C ASN B 340 7.53 -12.67 -9.95
N GLN B 341 8.78 -12.90 -9.55
CA GLN B 341 9.14 -14.12 -8.87
C GLN B 341 8.34 -14.31 -7.58
N GLN B 342 8.22 -13.25 -6.80
CA GLN B 342 7.57 -13.32 -5.49
C GLN B 342 6.12 -13.75 -5.63
N GLU B 343 5.54 -13.49 -6.81
CA GLU B 343 4.18 -13.94 -7.11
C GLU B 343 4.17 -15.41 -7.49
N ILE B 344 5.11 -15.78 -8.36
CA ILE B 344 5.23 -17.14 -8.83
C ILE B 344 5.64 -18.08 -7.69
N LEU B 345 6.48 -17.59 -6.78
CA LEU B 345 6.99 -18.42 -5.70
C LEU B 345 5.98 -18.65 -4.56
N ASP B 346 5.08 -17.69 -4.34
CA ASP B 346 4.04 -17.85 -3.31
C ASP B 346 2.99 -18.86 -3.78
N HIS B 347 2.82 -18.92 -5.10
CA HIS B 347 1.80 -19.77 -5.72
C HIS B 347 1.92 -21.22 -5.29
N ARG B 348 0.77 -21.84 -5.03
CA ARG B 348 0.72 -23.19 -4.48
C ARG B 348 1.04 -24.26 -5.53
N ALA B 349 0.97 -23.88 -6.80
CA ALA B 349 1.26 -24.81 -7.89
C ALA B 349 2.76 -25.10 -8.00
N VAL B 350 3.57 -24.18 -7.50
CA VAL B 350 5.02 -24.33 -7.57
C VAL B 350 5.55 -25.17 -6.42
N GLY B 351 6.25 -26.25 -6.74
CA GLY B 351 6.78 -27.14 -5.74
C GLY B 351 8.30 -27.18 -5.68
N GLY B 352 8.95 -26.62 -6.69
CA GLY B 352 10.40 -26.64 -6.77
C GLY B 352 11.01 -25.49 -7.52
N PHE B 353 12.26 -25.18 -7.21
CA PHE B 353 12.92 -23.99 -7.74
C PHE B 353 14.32 -24.34 -8.26
N VAL B 354 14.53 -24.15 -9.57
CA VAL B 354 15.88 -24.29 -10.10
C VAL B 354 16.50 -22.90 -10.21
N THR B 355 17.35 -22.56 -9.24
CA THR B 355 17.92 -21.23 -9.13
C THR B 355 19.41 -21.20 -9.43
N HIS B 356 19.89 -20.03 -9.84
CA HIS B 356 21.32 -19.83 -10.03
C HIS B 356 21.98 -19.69 -8.67
N GLY B 357 21.20 -19.34 -7.66
CA GLY B 357 21.70 -19.29 -6.29
C GLY B 357 21.93 -17.89 -5.75
N GLY B 358 21.32 -16.90 -6.38
CA GLY B 358 21.39 -15.53 -5.91
C GLY B 358 20.73 -15.41 -4.55
N TRP B 359 21.31 -14.60 -3.66
CA TRP B 359 20.81 -14.56 -2.29
C TRP B 359 19.45 -13.88 -2.20
N ASN B 360 19.14 -13.04 -3.18
CA ASN B 360 17.84 -12.38 -3.21
C ASN B 360 16.73 -13.35 -3.58
N SER B 361 16.98 -14.17 -4.61
CA SER B 361 16.02 -15.18 -5.03
C SER B 361 15.94 -16.32 -4.02
N SER B 362 17.03 -16.57 -3.31
CA SER B 362 17.08 -17.64 -2.34
C SER B 362 16.22 -17.32 -1.13
N MET B 363 16.34 -16.09 -0.64
CA MET B 363 15.53 -15.65 0.49
C MET B 363 14.05 -15.60 0.10
N GLU B 364 13.79 -15.25 -1.15
CA GLU B 364 12.44 -15.27 -1.68
C GLU B 364 11.85 -16.67 -1.60
N ALA B 365 12.68 -17.68 -1.85
CA ALA B 365 12.23 -19.06 -1.79
C ALA B 365 12.17 -19.58 -0.35
N VAL B 366 13.07 -19.08 0.50
CA VAL B 366 13.01 -19.37 1.93
C VAL B 366 11.69 -18.90 2.53
N TRP B 367 11.36 -17.65 2.22
CA TRP B 367 10.16 -17.00 2.75
C TRP B 367 8.88 -17.69 2.32
N HIS B 368 8.84 -18.14 1.07
CA HIS B 368 7.67 -18.80 0.53
C HIS B 368 7.76 -20.32 0.70
N GLY B 369 8.83 -20.77 1.34
CA GLY B 369 9.02 -22.17 1.65
C GLY B 369 8.99 -23.07 0.43
N VAL B 370 9.81 -22.73 -0.56
CA VAL B 370 9.89 -23.54 -1.78
C VAL B 370 11.25 -24.21 -1.85
N PRO B 371 11.26 -25.55 -2.01
CA PRO B 371 12.49 -26.33 -2.16
C PRO B 371 13.22 -25.92 -3.43
N MET B 372 14.53 -25.76 -3.36
CA MET B 372 15.27 -25.26 -4.51
C MET B 372 16.46 -26.16 -4.91
N LEU B 373 16.67 -26.29 -6.22
CA LEU B 373 17.85 -26.95 -6.77
C LEU B 373 18.84 -25.88 -7.21
N VAL B 374 19.96 -25.77 -6.50
CA VAL B 374 20.92 -24.70 -6.79
C VAL B 374 21.87 -25.12 -7.91
N TRP B 375 22.00 -24.25 -8.92
CA TRP B 375 22.90 -24.47 -10.04
C TRP B 375 23.76 -23.23 -10.23
N PRO B 376 24.82 -23.09 -9.41
CA PRO B 376 25.67 -21.89 -9.39
C PRO B 376 26.30 -21.59 -10.75
N GLN B 377 26.24 -20.33 -11.18
CA GLN B 377 26.70 -19.93 -12.50
C GLN B 377 27.99 -19.12 -12.44
N PHE B 378 28.07 -18.25 -11.43
CA PHE B 378 29.19 -17.33 -11.29
C PHE B 378 29.18 -16.73 -9.90
N GLY B 379 29.96 -15.68 -9.70
CA GLY B 379 29.95 -14.93 -8.46
C GLY B 379 30.03 -15.74 -7.18
N ASP B 380 29.20 -15.39 -6.20
CA ASP B 380 29.21 -16.03 -4.89
C ASP B 380 28.17 -17.14 -4.79
N GLN B 381 27.73 -17.64 -5.94
CA GLN B 381 26.63 -18.58 -5.99
C GLN B 381 27.00 -19.97 -5.47
N LYS B 382 28.28 -20.33 -5.59
CA LYS B 382 28.75 -21.58 -5.01
C LYS B 382 28.80 -21.47 -3.49
N ILE B 383 29.15 -20.28 -3.00
CA ILE B 383 29.16 -20.01 -1.56
C ILE B 383 27.76 -20.09 -0.98
N ASN B 384 26.82 -19.42 -1.64
CA ASN B 384 25.42 -19.43 -1.22
C ASN B 384 24.83 -20.83 -1.29
N ALA B 385 25.27 -21.61 -2.27
CA ALA B 385 24.81 -22.98 -2.45
C ALA B 385 25.12 -23.82 -1.21
N GLU B 386 26.28 -23.57 -0.62
CA GLU B 386 26.68 -24.27 0.60
C GLU B 386 25.85 -23.81 1.78
N VAL B 387 25.40 -22.56 1.74
CA VAL B 387 24.54 -22.01 2.78
C VAL B 387 23.15 -22.62 2.70
N ILE B 388 22.65 -22.81 1.48
CA ILE B 388 21.35 -23.43 1.27
C ILE B 388 21.37 -24.91 1.67
N GLU B 389 22.42 -25.62 1.27
CA GLU B 389 22.54 -27.05 1.55
C GLU B 389 22.63 -27.32 3.05
N ARG B 390 23.45 -26.53 3.75
CA ARG B 390 23.63 -26.70 5.18
C ARG B 390 22.32 -26.49 5.95
N SER B 391 21.48 -25.59 5.44
CA SER B 391 20.21 -25.28 6.09
C SER B 391 19.19 -26.40 5.85
N GLY B 392 19.37 -27.16 4.78
CA GLY B 392 18.50 -28.30 4.49
C GLY B 392 17.32 -27.95 3.60
N LEU B 393 17.31 -26.73 3.08
CA LEU B 393 16.22 -26.28 2.21
C LEU B 393 16.43 -26.73 0.75
N GLY B 394 17.69 -26.93 0.37
CA GLY B 394 17.99 -27.30 -1.00
C GLY B 394 19.06 -28.35 -1.19
N MET B 395 19.17 -28.82 -2.42
CA MET B 395 20.25 -29.72 -2.85
C MET B 395 21.04 -29.00 -3.93
N TRP B 396 22.36 -29.11 -3.93
CA TRP B 396 23.12 -28.49 -5.01
C TRP B 396 24.15 -29.45 -5.61
N VAL B 397 24.09 -29.58 -6.92
CA VAL B 397 24.88 -30.56 -7.65
C VAL B 397 26.31 -30.10 -7.85
N LYS B 398 27.22 -30.65 -7.04
CA LYS B 398 28.63 -30.31 -7.13
C LYS B 398 29.19 -30.70 -8.49
N ARG B 399 28.64 -31.78 -9.03
CA ARG B 399 29.09 -32.36 -10.29
C ARG B 399 28.91 -31.41 -11.49
N TRP B 400 28.06 -30.40 -11.31
CA TRP B 400 27.74 -29.48 -12.40
C TRP B 400 28.71 -28.29 -12.45
N GLY B 401 29.41 -28.05 -11.35
CA GLY B 401 30.40 -26.99 -11.27
C GLY B 401 29.82 -25.60 -11.54
N TRP B 402 30.51 -24.83 -12.38
CA TRP B 402 30.05 -23.50 -12.75
C TRP B 402 29.27 -23.55 -14.07
N GLY B 403 28.17 -22.80 -14.13
CA GLY B 403 27.30 -22.81 -15.30
C GLY B 403 27.93 -22.14 -16.50
N THR B 404 28.68 -21.07 -16.25
CA THR B 404 29.39 -20.33 -17.30
C THR B 404 30.54 -21.15 -17.88
N GLN B 405 31.13 -22.00 -17.04
CA GLN B 405 32.26 -22.82 -17.46
C GLN B 405 31.83 -24.16 -18.04
N GLN B 406 30.90 -24.83 -17.36
CA GLN B 406 30.58 -26.22 -17.67
C GLN B 406 29.16 -26.41 -18.19
N LEU B 407 29.02 -27.21 -19.25
CA LEU B 407 27.72 -27.50 -19.85
C LEU B 407 27.12 -28.78 -19.27
N VAL B 408 25.81 -28.79 -19.09
CA VAL B 408 25.13 -29.97 -18.57
C VAL B 408 24.16 -30.50 -19.63
N LYS B 409 24.23 -31.81 -19.89
CA LYS B 409 23.40 -32.44 -20.91
C LYS B 409 21.97 -32.65 -20.42
N GLY B 410 21.05 -32.86 -21.36
CA GLY B 410 19.63 -32.95 -21.05
C GLY B 410 19.22 -34.10 -20.13
N GLU B 411 19.81 -35.27 -20.36
CA GLU B 411 19.46 -36.46 -19.59
C GLU B 411 19.90 -36.33 -18.13
N GLU B 412 20.95 -35.55 -17.88
CA GLU B 412 21.45 -35.37 -16.53
C GLU B 412 20.63 -34.34 -15.76
N ILE B 413 20.09 -33.36 -16.48
CA ILE B 413 19.26 -32.33 -15.87
C ILE B 413 17.93 -32.91 -15.41
N GLY B 414 17.23 -33.57 -16.33
CA GLY B 414 15.92 -34.12 -16.05
C GLY B 414 15.89 -35.06 -14.86
N GLU B 415 16.97 -35.82 -14.69
CA GLU B 415 17.05 -36.76 -13.58
C GLU B 415 17.09 -36.05 -12.23
N ARG B 416 17.86 -34.97 -12.15
CA ARG B 416 18.01 -34.24 -10.90
C ARG B 416 16.75 -33.48 -10.52
N ILE B 417 15.99 -33.05 -11.52
CA ILE B 417 14.73 -32.35 -11.26
C ILE B 417 13.74 -33.27 -10.55
N LYS B 418 13.63 -34.52 -11.03
CA LYS B 418 12.75 -35.50 -10.41
C LYS B 418 13.14 -35.77 -8.96
N ASP B 419 14.44 -35.75 -8.68
CA ASP B 419 14.95 -35.90 -7.33
C ASP B 419 14.46 -34.77 -6.44
N LEU B 420 14.34 -33.58 -7.04
CA LEU B 420 13.88 -32.39 -6.33
C LEU B 420 12.37 -32.44 -6.08
N MET B 421 11.64 -32.95 -7.07
CA MET B 421 10.18 -33.01 -7.01
C MET B 421 9.69 -34.21 -6.21
N GLY B 422 10.60 -35.10 -5.84
CA GLY B 422 10.25 -36.30 -5.09
C GLY B 422 10.88 -36.35 -3.71
N ASN B 423 11.67 -35.33 -3.38
CA ASN B 423 12.33 -35.26 -2.10
C ASN B 423 11.41 -34.67 -1.02
N ASN B 424 10.91 -35.53 -0.14
CA ASN B 424 9.99 -35.12 0.91
C ASN B 424 10.65 -34.46 2.13
N PRO B 425 11.85 -34.94 2.54
CA PRO B 425 12.55 -34.18 3.59
C PRO B 425 12.79 -32.71 3.23
N LEU B 426 13.01 -32.42 1.95
CA LEU B 426 13.17 -31.04 1.50
C LEU B 426 11.92 -30.21 1.76
N ARG B 427 10.78 -30.75 1.33
CA ARG B 427 9.50 -30.06 1.46
C ARG B 427 9.14 -29.78 2.92
N VAL B 428 9.54 -30.69 3.80
CA VAL B 428 9.24 -30.56 5.22
C VAL B 428 10.17 -29.54 5.89
N ARG B 429 11.43 -29.54 5.48
CA ARG B 429 12.40 -28.56 5.97
C ARG B 429 12.00 -27.15 5.53
N ALA B 430 11.45 -27.04 4.31
CA ALA B 430 10.98 -25.78 3.78
C ALA B 430 9.87 -25.20 4.63
N LYS B 431 8.92 -26.07 5.00
CA LYS B 431 7.81 -25.67 5.86
C LYS B 431 8.33 -25.20 7.22
N THR B 432 9.34 -25.89 7.75
CA THR B 432 9.92 -25.54 9.04
C THR B 432 10.61 -24.18 8.99
N LEU B 433 11.45 -23.98 7.98
CA LEU B 433 12.19 -22.73 7.82
C LEU B 433 11.26 -21.54 7.60
N ARG B 434 10.17 -21.76 6.88
CA ARG B 434 9.21 -20.71 6.53
C ARG B 434 8.61 -20.07 7.79
N GLU B 435 8.30 -20.89 8.79
CA GLU B 435 7.73 -20.38 10.02
C GLU B 435 8.79 -19.66 10.85
N GLU B 436 9.99 -20.23 10.91
CA GLU B 436 11.10 -19.60 11.61
C GLU B 436 11.42 -18.25 10.96
N ALA B 437 11.26 -18.19 9.64
CA ALA B 437 11.46 -16.96 8.90
C ALA B 437 10.35 -15.96 9.21
N ARG B 438 9.11 -16.44 9.18
CA ARG B 438 7.94 -15.59 9.42
C ARG B 438 7.90 -15.10 10.87
N LYS B 439 8.30 -15.95 11.80
CA LYS B 439 8.35 -15.57 13.21
C LYS B 439 9.41 -14.50 13.45
N ALA B 440 10.41 -14.44 12.57
CA ALA B 440 11.52 -13.51 12.72
C ALA B 440 11.13 -12.07 12.40
N ILE B 441 10.06 -11.89 11.65
CA ILE B 441 9.58 -10.56 11.27
C ILE B 441 8.60 -10.02 12.31
N GLU B 442 7.69 -10.88 12.76
CA GLU B 442 6.66 -10.49 13.72
C GLU B 442 7.24 -9.99 15.04
N VAL B 443 6.40 -9.40 15.88
CA VAL B 443 6.84 -8.83 17.15
C VAL B 443 7.47 -9.90 18.03
N GLY B 444 8.54 -9.53 18.73
CA GLY B 444 9.28 -10.48 19.55
C GLY B 444 10.05 -11.47 18.70
N GLY B 445 10.23 -11.13 17.43
CA GLY B 445 10.96 -11.98 16.51
C GLY B 445 12.44 -11.63 16.45
N SER B 446 13.23 -12.53 15.87
CA SER B 446 14.68 -12.40 15.84
C SER B 446 15.15 -11.11 15.15
N SER B 447 14.69 -10.91 13.91
CA SER B 447 15.17 -9.81 13.09
C SER B 447 14.59 -8.47 13.48
N GLU B 448 13.36 -8.47 13.97
CA GLU B 448 12.73 -7.23 14.41
C GLU B 448 13.41 -6.67 15.66
N LYS B 449 13.93 -7.57 16.49
CA LYS B 449 14.60 -7.17 17.73
C LYS B 449 15.85 -6.36 17.44
N THR B 450 16.64 -6.80 16.48
CA THR B 450 17.87 -6.10 16.12
C THR B 450 17.54 -4.75 15.48
N LEU B 451 16.47 -4.73 14.68
CA LEU B 451 16.06 -3.53 13.95
C LEU B 451 15.57 -2.43 14.89
N LYS B 452 14.77 -2.82 15.89
CA LYS B 452 14.26 -1.88 16.88
C LYS B 452 15.41 -1.25 17.66
N GLU B 453 16.33 -2.10 18.13
CA GLU B 453 17.48 -1.64 18.90
C GLU B 453 18.39 -0.74 18.06
N LEU B 454 18.46 -1.04 16.76
CA LEU B 454 19.25 -0.24 15.83
C LEU B 454 18.70 1.18 15.76
N ILE B 455 17.42 1.30 15.40
CA ILE B 455 16.75 2.59 15.27
C ILE B 455 16.75 3.34 16.60
N GLU B 456 16.65 2.57 17.69
CA GLU B 456 16.65 3.16 19.03
C GLU B 456 17.98 3.83 19.37
N ASN B 457 19.03 3.46 18.65
CA ASN B 457 20.36 4.01 18.89
C ASN B 457 20.60 5.32 18.16
N TRP B 458 19.69 5.67 17.27
CA TRP B 458 19.89 6.79 16.36
C TRP B 458 19.43 8.22 16.75
N LYS B 459 18.42 8.44 17.60
CA LYS B 459 17.63 7.43 18.30
C LYS B 459 16.22 7.31 17.70
N1 UDP C . -18.38 1.81 -1.81
C2 UDP C . -17.75 0.97 -2.70
N3 UDP C . -18.45 -0.05 -3.30
C4 UDP C . -19.79 -0.26 -3.00
C5 UDP C . -20.41 0.60 -2.09
C6 UDP C . -19.66 1.55 -1.43
O2 UDP C . -16.56 1.15 -2.97
O4 UDP C . -20.42 -1.16 -3.53
C1' UDP C . -17.61 2.89 -1.18
C2' UDP C . -17.59 4.16 -2.03
O2' UDP C . -16.35 4.28 -2.69
C3' UDP C . -17.78 5.29 -1.03
C4' UDP C . -18.24 4.64 0.25
O4' UDP C . -18.20 3.23 0.06
O3' UDP C . -16.54 5.91 -0.79
C5' UDP C . -19.66 5.05 0.62
O5' UDP C . -19.63 6.39 1.04
PA UDP C . -20.93 7.34 0.87
O1A UDP C . -20.50 8.73 0.66
O2A UDP C . -21.74 6.86 -0.28
O3A UDP C . -21.78 7.22 2.23
PB UDP C . -22.81 6.02 2.54
O1B UDP C . -22.51 4.84 1.69
O2B UDP C . -24.20 6.47 2.26
O3B UDP C . -22.68 5.67 3.98
#